data_4NZ8
#
_entry.id   4NZ8
#
_cell.length_a   261.977
_cell.length_b   62.884
_cell.length_c   81.862
_cell.angle_alpha   90.00
_cell.angle_beta   100.39
_cell.angle_gamma   90.00
#
_symmetry.space_group_name_H-M   'C 1 2 1'
#
loop_
_entity.id
_entity.type
_entity.pdbx_description
1 polymer 'Aminopeptidase N'
2 polymer 'CLEAVED poly-Ala'
3 branched 2-acetamido-2-deoxy-beta-D-glucopyranose-(1-4)-2-acetamido-2-deoxy-beta-D-glucopyranose
4 non-polymer 2-acetamido-2-deoxy-beta-D-glucopyranose
5 non-polymer 'ZINC ION'
6 non-polymer 'SULFATE ION'
7 water water
#
loop_
_entity_poly.entity_id
_entity_poly.type
_entity_poly.pdbx_seq_one_letter_code
_entity_poly.pdbx_strand_id
1 'polypeptide(L)'
;SKPWNRYRLPTTLLPDSYNVTLRPYLTPNADGLYIFKGKSIVRFLCQEPTDVIIIHSKKLNYTTQGHMVVLRGVGDSQVP
EIDRTELVELTEYLVVHLKGSLQPGHMYEMESEFQGELADDLAGFYRSEYMEGNVKKVLATTQMQSTDARKSFPCFDEPA
MKATFNITLIHPNNLTALSNMPPKGSSTPLAEDPNWSVTEFETTPVMSTYLLAYIVSEFQSVNETAQNGVLIRIWARPNA
IAEGHGMYALNVTGPILNFFANHYNTSYPLPKSDQIALPDFNAGAMENWGLVTYRENALLFDPQSSSISNKERVVTVIAH
ELAHQWFGNLVTLAWWNDLWLNEGFASYVEYLGADHAEPTWNLKDLIVPGDVYRVMAVDALASSHPLTTPAEEVNTPAQI
SEMFDSISYSKGASVIRMLSNFLTEDLFKEGLASYLHAFAYQNTTYLDLWEHLQKAVDAQTSIRLPDTVRAIMDRWTLQM
GFPVITVDTKTGNISQKHFLLDSESNVTRSSAFDYLWIVPISSIKNGVMQDHYWLRDVSQAQNDLFKTASDDWVLLNVNV
TGYFQVNYDEDNWRMIQHQLQTNLSVIPVINRAQVIYDSFNLATAHMVPVTLALDNTLFLNGEKEYMPWQAALSSLSYFS
LMFDRSEVYGPMKKYLRKQVEPLFQHFETLTKNWTERPENLMDQYSEINAISTACSNGLPQCENLAKTLFDQWMSDPENN
PIHPNLRSTIYCNAIAQGGQDQWDFAWGQLQQAQLVNEADKLRSALACSNEVWLLNRYLGYTLNPDLIRKQDATSTINSI
ASNVIGQPLAWDFVQSNWKKLFQDYGGGSFSFSNLIQGVTRRFSSEFELQQLEQFKKNNMDVGFGSGTRALEQALEKTKA
NIKWVKENKEVVLNWFIEHSSHHHHHH
;
A
2 'polypeptide(L)' AAAAAA B,C
#
# COMPACT_ATOMS: atom_id res chain seq x y z
N SER A 1 20.53 34.30 -6.34
CA SER A 1 20.63 33.14 -5.38
C SER A 1 21.79 32.25 -5.76
N LYS A 2 22.53 31.75 -4.77
CA LYS A 2 23.65 30.84 -5.03
C LYS A 2 23.12 29.46 -5.34
N PRO A 3 23.75 28.73 -6.30
CA PRO A 3 23.21 27.43 -6.68
C PRO A 3 23.14 26.41 -5.54
N TRP A 4 24.02 26.53 -4.54
CA TRP A 4 24.04 25.59 -3.41
C TRP A 4 22.91 25.89 -2.42
N ASN A 5 22.17 26.98 -2.66
CA ASN A 5 20.97 27.27 -1.85
C ASN A 5 19.68 26.92 -2.60
N ARG A 6 19.81 26.30 -3.77
CA ARG A 6 18.65 25.75 -4.50
C ARG A 6 18.58 24.25 -4.34
N TYR A 7 17.36 23.73 -4.26
CA TYR A 7 17.13 22.31 -3.95
C TYR A 7 17.41 21.38 -5.12
N ARG A 8 17.28 21.91 -6.34
CA ARG A 8 17.58 21.12 -7.54
C ARG A 8 19.06 21.31 -7.95
N LEU A 9 19.69 20.19 -8.33
CA LEU A 9 21.07 20.20 -8.79
C LEU A 9 21.27 21.03 -10.07
N PRO A 10 22.45 21.64 -10.23
CA PRO A 10 22.77 22.23 -11.54
C PRO A 10 22.76 21.14 -12.62
N THR A 11 22.63 21.53 -13.88
CA THR A 11 22.80 20.61 -15.02
C THR A 11 24.18 20.68 -15.68
N THR A 12 25.12 21.38 -15.06
CA THR A 12 26.44 21.62 -15.64
C THR A 12 27.37 20.40 -15.64
N LEU A 13 27.16 19.48 -14.69
CA LEU A 13 27.97 18.29 -14.49
C LEU A 13 27.08 17.06 -14.43
N LEU A 14 27.40 16.03 -15.21
CA LEU A 14 26.66 14.81 -15.17
C LEU A 14 27.52 13.60 -14.86
N PRO A 15 27.05 12.70 -13.99
CA PRO A 15 27.88 11.58 -13.60
C PRO A 15 27.95 10.54 -14.70
N ASP A 16 29.10 9.85 -14.77
CA ASP A 16 29.32 8.71 -15.67
C ASP A 16 29.26 7.38 -14.87
N SER A 17 30.07 7.30 -13.82
CA SER A 17 30.23 6.08 -13.07
C SER A 17 30.80 6.36 -11.69
N TYR A 18 30.49 5.45 -10.78
CA TYR A 18 30.94 5.54 -9.41
C TYR A 18 31.61 4.21 -8.95
N ASN A 19 32.69 4.37 -8.18
CA ASN A 19 33.18 3.31 -7.29
C ASN A 19 32.78 3.70 -5.87
N VAL A 20 32.24 2.75 -5.11
CA VAL A 20 31.81 3.01 -3.74
C VAL A 20 32.18 1.77 -2.93
N THR A 21 32.92 1.98 -1.84
CA THR A 21 33.31 0.94 -0.89
C THR A 21 32.74 1.36 0.44
N LEU A 22 31.97 0.45 1.01
CA LEU A 22 31.31 0.68 2.31
C LEU A 22 31.72 -0.42 3.29
N ARG A 23 31.83 -0.05 4.57
CA ARG A 23 32.29 -0.97 5.59
C ARG A 23 31.45 -0.74 6.83
N PRO A 24 30.42 -1.57 7.06
CA PRO A 24 29.66 -1.37 8.30
C PRO A 24 30.39 -2.00 9.50
N TYR A 25 30.35 -1.34 10.65
CA TYR A 25 30.87 -1.87 11.93
C TYR A 25 29.66 -2.27 12.77
N LEU A 26 29.38 -3.57 12.81
CA LEU A 26 28.18 -4.09 13.49
C LEU A 26 28.36 -4.31 14.98
N THR A 27 29.55 -3.99 15.51
CA THR A 27 29.82 -3.94 16.97
C THR A 27 29.87 -2.46 17.37
N PRO A 28 29.08 -2.06 18.37
CA PRO A 28 29.10 -0.64 18.69
C PRO A 28 30.43 -0.21 19.33
N ASN A 29 30.73 1.09 19.31
CA ASN A 29 31.90 1.57 20.07
C ASN A 29 31.63 1.65 21.59
N ALA A 30 32.54 2.30 22.32
CA ALA A 30 32.43 2.49 23.79
C ALA A 30 31.06 3.00 24.23
N ASP A 31 30.55 3.98 23.48
CA ASP A 31 29.36 4.74 23.84
C ASP A 31 28.07 4.20 23.22
N GLY A 32 28.16 3.01 22.59
CA GLY A 32 27.00 2.40 21.97
C GLY A 32 26.71 3.03 20.63
N LEU A 33 27.70 3.66 20.02
CA LEU A 33 27.54 4.21 18.68
C LEU A 33 27.98 3.22 17.59
N TYR A 34 27.08 2.97 16.64
CA TYR A 34 27.39 2.12 15.50
C TYR A 34 27.73 3.03 14.31
N ILE A 35 28.81 2.73 13.61
CA ILE A 35 29.23 3.54 12.44
C ILE A 35 29.45 2.70 11.18
N PHE A 36 29.50 3.39 10.04
CA PHE A 36 30.02 2.78 8.83
C PHE A 36 31.06 3.73 8.25
N LYS A 37 32.07 3.15 7.59
CA LYS A 37 33.04 3.94 6.86
C LYS A 37 32.88 3.70 5.38
N GLY A 38 33.29 4.67 4.59
CA GLY A 38 33.21 4.53 3.16
C GLY A 38 34.30 5.29 2.45
N LYS A 39 34.48 4.93 1.20
CA LYS A 39 35.35 5.61 0.30
C LYS A 39 34.66 5.60 -1.06
N SER A 40 34.73 6.71 -1.80
CA SER A 40 34.07 6.72 -3.12
C SER A 40 34.87 7.52 -4.15
N ILE A 41 34.74 7.13 -5.41
CA ILE A 41 35.21 7.95 -6.49
C ILE A 41 34.08 8.14 -7.51
N VAL A 42 33.72 9.38 -7.80
CA VAL A 42 32.71 9.63 -8.89
C VAL A 42 33.43 10.21 -10.12
N ARG A 43 33.15 9.63 -11.26
CA ARG A 43 33.57 10.18 -12.53
C ARG A 43 32.38 10.88 -13.20
N PHE A 44 32.58 12.14 -13.52
CA PHE A 44 31.54 12.99 -14.12
C PHE A 44 32.11 13.76 -15.30
N LEU A 45 31.20 14.20 -16.18
CA LEU A 45 31.58 14.96 -17.36
C LEU A 45 31.05 16.39 -17.22
N CYS A 46 31.86 17.37 -17.60
CA CYS A 46 31.42 18.76 -17.61
C CYS A 46 30.65 19.04 -18.90
N GLN A 47 29.43 19.54 -18.76
CA GLN A 47 28.60 19.94 -19.91
C GLN A 47 28.74 21.40 -20.23
N GLU A 48 28.79 22.21 -19.19
CA GLU A 48 28.93 23.67 -19.32
C GLU A 48 30.00 24.10 -18.31
N PRO A 49 30.79 25.11 -18.66
CA PRO A 49 31.86 25.49 -17.74
C PRO A 49 31.28 25.94 -16.40
N THR A 50 31.94 25.58 -15.32
CA THR A 50 31.52 25.96 -13.98
C THR A 50 32.73 25.87 -13.08
N ASP A 51 32.80 26.79 -12.11
CA ASP A 51 33.86 26.76 -11.09
C ASP A 51 33.40 26.21 -9.72
N VAL A 52 32.30 25.46 -9.73
CA VAL A 52 31.80 24.85 -8.50
C VAL A 52 31.27 23.44 -8.76
N ILE A 53 31.54 22.51 -7.85
CA ILE A 53 30.94 21.19 -7.93
C ILE A 53 29.96 21.11 -6.78
N ILE A 54 28.72 20.78 -7.13
CA ILE A 54 27.67 20.58 -6.15
C ILE A 54 27.16 19.17 -6.28
N ILE A 55 27.25 18.45 -5.17
CA ILE A 55 26.87 17.06 -5.14
C ILE A 55 26.16 16.82 -3.79
N HIS A 56 25.27 15.84 -3.69
CA HIS A 56 24.54 15.63 -2.42
C HIS A 56 25.36 14.88 -1.38
N SER A 57 25.14 15.25 -0.12
CA SER A 57 25.77 14.62 1.06
C SER A 57 24.91 14.94 2.27
N LYS A 58 24.57 13.91 3.03
CA LYS A 58 23.65 14.01 4.18
C LYS A 58 24.22 13.22 5.35
N LYS A 59 24.50 13.89 6.47
CA LYS A 59 24.93 13.24 7.70
C LYS A 59 26.22 12.43 7.52
N LEU A 60 27.08 12.95 6.66
CA LEU A 60 28.39 12.34 6.46
C LEU A 60 29.52 13.24 7.00
N ASN A 61 30.45 12.64 7.73
CA ASN A 61 31.69 13.29 8.14
C ASN A 61 32.83 12.87 7.19
N TYR A 62 33.63 13.82 6.71
CA TYR A 62 34.67 13.56 5.73
C TYR A 62 36.02 13.43 6.41
N THR A 63 36.76 12.39 6.07
CA THR A 63 38.14 12.21 6.60
C THR A 63 39.17 12.17 5.48
N THR A 64 38.80 12.63 4.29
CA THR A 64 39.67 12.74 3.13
C THR A 64 40.92 13.52 3.50
N GLN A 65 42.07 13.09 2.99
CA GLN A 65 43.31 13.88 3.17
C GLN A 65 43.18 15.23 2.42
N GLY A 66 43.45 16.33 3.13
CA GLY A 66 43.36 17.68 2.54
C GLY A 66 41.97 18.28 2.72
N HIS A 67 41.35 18.69 1.62
CA HIS A 67 39.96 19.15 1.63
C HIS A 67 39.07 17.93 1.74
N MET A 68 37.75 18.15 1.70
CA MET A 68 36.81 17.05 1.85
C MET A 68 36.86 16.11 0.64
N VAL A 69 37.32 16.61 -0.50
CA VAL A 69 37.50 15.71 -1.65
C VAL A 69 38.89 15.93 -2.24
N VAL A 70 39.30 14.97 -3.07
CA VAL A 70 40.42 15.13 -3.97
C VAL A 70 39.89 15.10 -5.40
N LEU A 71 40.37 16.02 -6.23
CA LEU A 71 39.85 16.18 -7.59
C LEU A 71 40.93 15.97 -8.63
N ARG A 72 40.67 15.08 -9.59
CA ARG A 72 41.64 14.74 -10.66
C ARG A 72 40.97 14.83 -12.01
N GLY A 73 41.77 15.08 -13.04
CA GLY A 73 41.31 14.95 -14.44
C GLY A 73 41.44 13.53 -14.95
N VAL A 74 40.49 13.10 -15.76
CA VAL A 74 40.53 11.81 -16.43
C VAL A 74 41.42 11.93 -17.66
N GLY A 75 42.26 10.92 -17.88
CA GLY A 75 43.15 10.92 -19.05
C GLY A 75 44.14 12.05 -18.92
N ASP A 76 44.28 12.87 -19.96
CA ASP A 76 45.21 13.99 -19.88
C ASP A 76 44.57 15.36 -19.61
N SER A 77 43.35 15.36 -19.12
CA SER A 77 42.72 16.61 -18.69
C SER A 77 43.38 17.23 -17.45
N GLN A 78 43.61 18.53 -17.48
CA GLN A 78 44.04 19.28 -16.32
C GLN A 78 42.84 19.58 -15.42
N VAL A 79 43.11 19.94 -14.18
CA VAL A 79 42.05 20.14 -13.19
C VAL A 79 42.34 21.45 -12.43
N PRO A 80 41.31 22.30 -12.19
CA PRO A 80 41.59 23.45 -11.34
C PRO A 80 41.89 23.06 -9.88
N GLU A 81 42.59 23.94 -9.15
CA GLU A 81 42.82 23.74 -7.72
C GLU A 81 41.54 23.95 -6.94
N ILE A 82 41.39 23.24 -5.83
CA ILE A 82 40.26 23.48 -4.94
C ILE A 82 40.53 24.74 -4.13
N ASP A 83 39.56 25.64 -4.02
CA ASP A 83 39.64 26.74 -3.09
C ASP A 83 39.24 26.26 -1.69
N ARG A 84 38.04 25.70 -1.57
CA ARG A 84 37.55 25.15 -0.31
C ARG A 84 36.35 24.23 -0.58
N THR A 85 36.13 23.32 0.37
CA THR A 85 34.95 22.47 0.41
C THR A 85 34.13 22.82 1.65
N GLU A 86 32.81 22.90 1.50
CA GLU A 86 31.91 23.14 2.63
C GLU A 86 30.65 22.24 2.50
N LEU A 87 30.00 21.98 3.63
CA LEU A 87 28.75 21.25 3.68
C LEU A 87 27.63 22.26 3.90
N VAL A 88 26.60 22.20 3.06
CA VAL A 88 25.41 23.06 3.20
C VAL A 88 24.26 22.14 3.63
N GLU A 89 23.91 22.17 4.92
CA GLU A 89 23.01 21.14 5.47
C GLU A 89 21.58 21.20 4.93
N LEU A 90 21.05 22.41 4.74
CA LEU A 90 19.63 22.57 4.42
C LEU A 90 19.27 21.86 3.10
N THR A 91 20.10 22.12 2.08
CA THR A 91 19.90 21.56 0.75
C THR A 91 20.70 20.26 0.56
N GLU A 92 21.34 19.81 1.64
CA GLU A 92 22.03 18.49 1.67
C GLU A 92 23.12 18.38 0.59
N TYR A 93 23.98 19.38 0.55
CA TYR A 93 25.05 19.41 -0.42
C TYR A 93 26.43 19.40 0.20
N LEU A 94 27.33 18.77 -0.54
CA LEU A 94 28.77 19.01 -0.42
C LEU A 94 29.11 19.92 -1.60
N VAL A 95 29.78 21.03 -1.30
CA VAL A 95 30.13 22.07 -2.26
C VAL A 95 31.65 22.27 -2.39
N VAL A 96 32.16 22.00 -3.57
CA VAL A 96 33.57 22.15 -3.87
C VAL A 96 33.81 23.41 -4.70
N HIS A 97 34.34 24.47 -4.08
CA HIS A 97 34.62 25.73 -4.76
C HIS A 97 35.99 25.64 -5.35
N LEU A 98 36.09 25.97 -6.64
CA LEU A 98 37.34 25.81 -7.39
C LEU A 98 37.98 27.15 -7.71
N LYS A 99 39.29 27.13 -7.95
CA LYS A 99 40.04 28.33 -8.29
C LYS A 99 39.97 28.64 -9.76
N GLY A 100 39.33 27.79 -10.55
CA GLY A 100 39.14 28.06 -11.99
C GLY A 100 38.00 27.21 -12.51
N SER A 101 37.75 27.23 -13.80
CA SER A 101 36.56 26.55 -14.35
C SER A 101 36.87 25.19 -14.94
N LEU A 102 35.99 24.23 -14.69
CA LEU A 102 35.97 22.98 -15.41
C LEU A 102 35.57 23.26 -16.86
N GLN A 103 36.00 22.39 -17.78
CA GLN A 103 35.84 22.62 -19.21
C GLN A 103 34.90 21.62 -19.90
N PRO A 104 33.96 22.15 -20.70
CA PRO A 104 32.99 21.32 -21.41
C PRO A 104 33.66 20.17 -22.17
N GLY A 105 33.12 18.98 -22.01
CA GLY A 105 33.61 17.82 -22.73
C GLY A 105 34.68 17.09 -21.96
N HIS A 106 35.24 17.70 -20.92
CA HIS A 106 36.24 17.01 -20.10
C HIS A 106 35.58 16.19 -19.00
N MET A 107 36.22 15.05 -18.67
CA MET A 107 35.83 14.22 -17.53
C MET A 107 36.79 14.37 -16.34
N TYR A 108 36.23 14.24 -15.14
CA TYR A 108 36.94 14.44 -13.88
C TYR A 108 36.54 13.31 -12.92
N GLU A 109 37.46 13.00 -12.00
CA GLU A 109 37.23 12.02 -10.93
C GLU A 109 37.34 12.74 -9.56
N MET A 110 36.35 12.56 -8.71
CA MET A 110 36.33 13.18 -7.40
C MET A 110 36.28 12.08 -6.33
N GLU A 111 37.30 12.08 -5.47
CA GLU A 111 37.52 10.99 -4.50
C GLU A 111 37.26 11.55 -3.09
N SER A 112 36.61 10.77 -2.27
CA SER A 112 36.36 11.14 -0.89
C SER A 112 36.41 9.95 0.08
N GLU A 113 36.65 10.23 1.35
CA GLU A 113 36.62 9.24 2.41
C GLU A 113 35.77 9.78 3.49
N PHE A 114 34.89 8.98 4.04
CA PHE A 114 33.84 9.50 4.90
C PHE A 114 33.35 8.44 5.87
N GLN A 115 32.54 8.88 6.81
CA GLN A 115 31.88 8.00 7.76
C GLN A 115 30.56 8.60 8.24
N GLY A 116 29.64 7.70 8.62
CA GLY A 116 28.36 8.12 9.20
C GLY A 116 27.89 7.13 10.23
N GLU A 117 26.84 7.49 10.96
CA GLU A 117 26.21 6.56 11.89
C GLU A 117 25.44 5.49 11.14
N LEU A 118 25.68 4.24 11.52
CA LEU A 118 24.88 3.12 11.07
C LEU A 118 23.74 3.03 12.03
N ALA A 119 22.80 3.97 11.85
CA ALA A 119 21.72 4.19 12.80
C ALA A 119 20.56 3.23 12.60
N ASP A 120 19.71 3.09 13.60
CA ASP A 120 18.54 2.28 13.38
C ASP A 120 17.36 3.13 12.99
N ASP A 121 17.51 3.77 11.84
CA ASP A 121 16.59 4.77 11.36
C ASP A 121 15.95 4.45 10.00
N LEU A 122 16.16 3.25 9.50
CA LEU A 122 15.62 2.83 8.18
C LEU A 122 15.92 3.81 7.05
N ALA A 123 17.07 4.46 7.10
CA ALA A 123 17.39 5.49 6.11
C ALA A 123 18.83 5.41 5.71
N GLY A 124 19.08 5.33 4.41
CA GLY A 124 20.42 5.27 3.88
C GLY A 124 20.97 3.87 4.14
N PHE A 125 22.25 3.81 4.49
CA PHE A 125 22.88 2.59 5.05
C PHE A 125 22.63 2.62 6.55
N TYR A 126 21.90 1.62 7.05
CA TYR A 126 21.40 1.65 8.42
C TYR A 126 21.51 0.26 9.04
N ARG A 127 21.26 0.12 10.34
CA ARG A 127 21.29 -1.18 10.99
C ARG A 127 19.89 -1.61 11.37
N SER A 128 19.72 -2.94 11.44
CA SER A 128 18.49 -3.55 11.89
C SER A 128 18.82 -4.63 12.92
N GLU A 129 18.21 -4.54 14.10
CA GLU A 129 18.44 -5.44 15.24
C GLU A 129 17.33 -6.48 15.32
N TYR A 130 17.65 -7.74 15.53
CA TYR A 130 16.62 -8.75 15.74
C TYR A 130 17.12 -9.87 16.62
N MET A 131 16.23 -10.73 17.09
CA MET A 131 16.60 -11.80 18.02
C MET A 131 16.65 -13.21 17.40
N GLU A 132 17.74 -13.93 17.69
CA GLU A 132 17.88 -15.37 17.39
C GLU A 132 18.27 -16.12 18.68
N GLY A 133 17.29 -16.74 19.31
CA GLY A 133 17.48 -17.33 20.65
C GLY A 133 17.74 -16.24 21.68
N ASN A 134 18.61 -16.53 22.66
CA ASN A 134 18.99 -15.53 23.67
C ASN A 134 19.81 -14.43 23.03
N VAL A 135 20.20 -14.66 21.76
CA VAL A 135 21.14 -13.78 21.04
C VAL A 135 20.50 -12.60 20.24
N LYS A 136 21.03 -11.39 20.43
CA LYS A 136 20.68 -10.24 19.60
C LYS A 136 21.60 -10.11 18.37
N LYS A 137 21.00 -10.18 17.19
CA LYS A 137 21.70 -10.00 15.91
C LYS A 137 21.51 -8.58 15.36
N VAL A 138 22.52 -8.11 14.63
CA VAL A 138 22.51 -6.83 13.99
C VAL A 138 22.97 -7.08 12.57
N LEU A 139 22.20 -6.58 11.61
CA LEU A 139 22.64 -6.58 10.20
C LEU A 139 22.68 -5.16 9.64
N ALA A 140 23.36 -5.00 8.50
CA ALA A 140 23.43 -3.73 7.84
C ALA A 140 22.70 -3.85 6.50
N THR A 141 21.86 -2.85 6.22
CA THR A 141 21.04 -2.87 5.00
C THR A 141 20.77 -1.43 4.56
N THR A 142 20.02 -1.24 3.48
CA THR A 142 19.84 0.06 2.87
C THR A 142 18.40 0.39 2.54
N GLN A 143 18.09 1.68 2.57
CA GLN A 143 16.81 2.22 2.09
C GLN A 143 17.13 3.61 1.55
N MET A 144 17.33 3.66 0.23
CA MET A 144 17.71 4.96 -0.39
C MET A 144 16.50 5.81 -0.77
N GLN A 145 15.38 5.14 -1.06
CA GLN A 145 14.17 5.82 -1.54
C GLN A 145 13.71 6.81 -0.48
N SER A 146 13.52 8.09 -0.79
CA SER A 146 13.72 8.72 -2.10
C SER A 146 15.05 9.42 -2.22
N THR A 147 15.46 10.09 -1.13
CA THR A 147 16.60 11.01 -1.16
C THR A 147 17.69 10.67 -0.11
N ASP A 148 17.90 9.38 0.08
CA ASP A 148 18.86 8.89 1.10
C ASP A 148 20.11 8.18 0.59
N ALA A 149 20.27 8.03 -0.73
CA ALA A 149 21.53 7.51 -1.24
C ALA A 149 22.67 8.38 -0.72
N ARG A 150 22.42 9.70 -0.76
CA ARG A 150 23.33 10.74 -0.25
C ARG A 150 23.73 10.60 1.23
N LYS A 151 22.96 9.83 2.01
CA LYS A 151 23.23 9.58 3.41
C LYS A 151 24.27 8.41 3.54
N SER A 152 24.51 7.68 2.45
CA SER A 152 25.53 6.59 2.43
C SER A 152 26.85 6.91 1.74
N PHE A 153 26.80 7.84 0.77
CA PHE A 153 27.97 8.29 0.03
C PHE A 153 27.59 9.53 -0.80
N PRO A 154 28.56 10.38 -1.08
CA PRO A 154 28.25 11.58 -1.86
C PRO A 154 27.92 11.23 -3.31
N CYS A 155 26.79 11.74 -3.83
CA CYS A 155 26.33 11.36 -5.18
C CYS A 155 25.38 12.48 -5.72
N PHE A 156 25.19 12.47 -7.04
CA PHE A 156 24.25 13.38 -7.70
C PHE A 156 22.91 12.65 -7.57
N ASP A 157 22.25 12.88 -6.46
CA ASP A 157 21.16 12.04 -5.99
C ASP A 157 19.79 12.56 -6.49
N GLU A 158 19.60 12.46 -7.82
CA GLU A 158 18.34 12.72 -8.53
C GLU A 158 18.13 11.61 -9.51
N PRO A 159 16.88 11.15 -9.66
CA PRO A 159 16.62 9.93 -10.44
C PRO A 159 17.05 9.94 -11.91
N ALA A 160 17.08 11.09 -12.57
CA ALA A 160 17.47 11.15 -14.00
C ALA A 160 18.99 11.09 -14.21
N MET A 161 19.74 11.38 -13.14
CA MET A 161 21.19 11.43 -13.21
C MET A 161 21.77 10.04 -12.99
N LYS A 162 21.56 9.19 -13.99
CA LYS A 162 21.89 7.79 -13.91
C LYS A 162 23.35 7.53 -14.20
N ALA A 163 23.87 6.42 -13.69
CA ALA A 163 25.29 6.09 -13.83
C ALA A 163 25.45 4.60 -13.55
N THR A 164 26.63 4.05 -13.86
CA THR A 164 26.99 2.69 -13.43
C THR A 164 27.66 2.79 -12.07
N PHE A 165 27.49 1.74 -11.26
CA PHE A 165 28.03 1.70 -9.90
C PHE A 165 28.83 0.41 -9.69
N ASN A 166 30.07 0.59 -9.22
CA ASN A 166 30.93 -0.52 -8.78
C ASN A 166 30.96 -0.56 -7.28
N ILE A 167 30.21 -1.48 -6.70
CA ILE A 167 30.04 -1.52 -5.26
C ILE A 167 31.03 -2.54 -4.68
N THR A 168 31.66 -2.22 -3.56
CA THR A 168 32.48 -3.17 -2.79
C THR A 168 32.01 -3.10 -1.33
N LEU A 169 31.84 -4.25 -0.66
CA LEU A 169 31.53 -4.27 0.79
C LEU A 169 32.70 -4.90 1.52
N ILE A 170 33.09 -4.28 2.62
CA ILE A 170 34.10 -4.83 3.56
C ILE A 170 33.33 -5.20 4.81
N HIS A 171 33.41 -6.46 5.18
CA HIS A 171 32.48 -7.01 6.16
C HIS A 171 33.12 -8.16 6.97
N PRO A 172 32.54 -8.49 8.14
CA PRO A 172 33.07 -9.67 8.87
C PRO A 172 33.06 -10.88 7.99
N ASN A 173 34.11 -11.70 8.09
CA ASN A 173 34.29 -12.76 7.11
C ASN A 173 33.29 -13.90 7.22
N ASN A 174 32.50 -13.96 8.28
CA ASN A 174 31.52 -15.04 8.41
C ASN A 174 30.10 -14.59 8.04
N LEU A 175 30.00 -13.38 7.48
CA LEU A 175 28.74 -12.85 7.04
C LEU A 175 28.69 -12.75 5.52
N THR A 176 27.48 -12.74 4.97
CA THR A 176 27.26 -12.67 3.52
C THR A 176 26.93 -11.22 3.12
N ALA A 177 27.47 -10.82 1.99
CA ALA A 177 27.33 -9.47 1.45
C ALA A 177 26.56 -9.56 0.14
N LEU A 178 25.52 -8.74 -0.02
CA LEU A 178 24.65 -8.75 -1.22
C LEU A 178 24.54 -7.35 -1.73
N SER A 179 24.43 -7.22 -3.06
CA SER A 179 24.15 -5.93 -3.70
C SER A 179 23.25 -6.16 -4.93
N ASN A 180 23.09 -5.10 -5.75
CA ASN A 180 22.22 -5.13 -6.93
C ASN A 180 22.66 -6.21 -7.89
N MET A 181 23.98 -6.32 -8.06
CA MET A 181 24.59 -7.24 -9.01
C MET A 181 25.23 -8.45 -8.28
N PRO A 182 25.57 -9.52 -8.99
CA PRO A 182 26.33 -10.64 -8.41
C PRO A 182 27.71 -10.20 -7.94
N PRO A 183 28.28 -10.95 -6.99
CA PRO A 183 29.69 -10.76 -6.64
C PRO A 183 30.57 -11.09 -7.84
N LYS A 184 31.71 -10.40 -7.98
CA LYS A 184 32.63 -10.74 -9.07
C LYS A 184 33.27 -12.10 -8.92
N GLY A 185 33.40 -12.54 -7.69
CA GLY A 185 34.01 -13.83 -7.41
C GLY A 185 34.03 -13.97 -5.91
N SER A 186 34.86 -14.88 -5.42
CA SER A 186 34.91 -15.09 -3.99
C SER A 186 35.53 -13.87 -3.32
N SER A 187 35.15 -13.71 -2.07
CA SER A 187 35.64 -12.65 -1.23
C SER A 187 37.10 -12.91 -0.90
N THR A 188 37.85 -11.85 -0.62
CA THR A 188 39.23 -11.98 -0.21
C THR A 188 39.43 -11.32 1.16
N PRO A 189 40.45 -11.74 1.93
CA PRO A 189 40.68 -11.16 3.27
C PRO A 189 41.08 -9.70 3.18
N LEU A 190 40.62 -8.86 4.09
CA LEU A 190 41.13 -7.49 4.18
C LEU A 190 42.55 -7.59 4.77
N ALA A 191 43.54 -7.04 4.07
CA ALA A 191 44.95 -7.21 4.50
C ALA A 191 45.24 -6.58 5.84
N GLU A 192 44.60 -5.46 6.16
CA GLU A 192 44.89 -4.79 7.43
C GLU A 192 44.23 -5.49 8.62
N ASP A 193 43.22 -6.32 8.37
CA ASP A 193 42.60 -7.18 9.41
C ASP A 193 41.79 -8.32 8.74
N PRO A 194 42.39 -9.53 8.62
CA PRO A 194 41.75 -10.68 7.95
C PRO A 194 40.49 -11.27 8.59
N ASN A 195 40.10 -10.79 9.77
CA ASN A 195 38.77 -11.05 10.29
C ASN A 195 37.70 -10.44 9.41
N TRP A 196 38.11 -9.47 8.59
CA TRP A 196 37.21 -8.91 7.57
C TRP A 196 37.54 -9.45 6.18
N SER A 197 36.50 -9.56 5.36
CA SER A 197 36.60 -9.86 3.94
C SER A 197 36.12 -8.70 3.05
N VAL A 198 36.53 -8.74 1.79
CA VAL A 198 36.22 -7.71 0.79
C VAL A 198 35.45 -8.44 -0.32
N THR A 199 34.22 -8.01 -0.56
CA THR A 199 33.38 -8.55 -1.64
C THR A 199 33.13 -7.46 -2.66
N GLU A 200 33.52 -7.71 -3.89
CA GLU A 200 33.34 -6.78 -4.98
C GLU A 200 32.20 -7.26 -5.83
N PHE A 201 31.37 -6.36 -6.31
CA PHE A 201 30.25 -6.75 -7.18
C PHE A 201 30.49 -6.27 -8.62
N GLU A 202 29.89 -6.98 -9.54
CA GLU A 202 29.90 -6.60 -10.96
C GLU A 202 29.24 -5.21 -11.11
N THR A 203 29.70 -4.47 -12.11
CA THR A 203 29.21 -3.14 -12.44
C THR A 203 27.72 -3.20 -12.73
N THR A 204 26.96 -2.29 -12.12
CA THR A 204 25.53 -2.18 -12.43
C THR A 204 25.29 -1.67 -13.87
N PRO A 205 24.09 -1.91 -14.40
CA PRO A 205 23.74 -1.11 -15.58
C PRO A 205 23.65 0.37 -15.24
N VAL A 206 23.48 1.18 -16.24
CA VAL A 206 23.17 2.59 -16.00
C VAL A 206 21.88 2.65 -15.20
N MET A 207 21.90 3.34 -14.06
CA MET A 207 20.78 3.28 -13.10
C MET A 207 20.72 4.48 -12.15
N SER A 208 19.60 4.60 -11.43
CA SER A 208 19.38 5.69 -10.52
C SER A 208 19.90 5.36 -9.10
N THR A 209 20.38 6.41 -8.41
CA THR A 209 20.85 6.28 -7.03
C THR A 209 19.84 5.71 -6.07
N TYR A 210 18.57 6.12 -6.22
CA TYR A 210 17.56 5.65 -5.27
C TYR A 210 17.27 4.16 -5.33
N LEU A 211 17.79 3.44 -6.33
CA LEU A 211 17.54 2.01 -6.52
C LEU A 211 18.75 1.12 -6.10
N LEU A 212 19.81 1.74 -5.59
CA LEU A 212 20.95 0.95 -5.07
C LEU A 212 20.64 0.26 -3.76
N ALA A 213 21.29 -0.88 -3.53
CA ALA A 213 21.13 -1.57 -2.23
C ALA A 213 22.37 -2.42 -1.97
N TYR A 214 22.69 -2.56 -0.69
CA TYR A 214 23.75 -3.46 -0.23
C TYR A 214 23.48 -3.87 1.21
N ILE A 215 23.75 -5.14 1.50
CA ILE A 215 23.30 -5.73 2.73
C ILE A 215 24.37 -6.69 3.24
N VAL A 216 24.63 -6.64 4.55
CA VAL A 216 25.56 -7.54 5.22
C VAL A 216 24.80 -8.19 6.36
N SER A 217 24.77 -9.52 6.34
CA SER A 217 23.94 -10.33 7.25
C SER A 217 24.39 -11.79 7.34
N GLU A 218 23.75 -12.51 8.26
CA GLU A 218 23.87 -13.97 8.40
C GLU A 218 22.83 -14.72 7.62
N PHE A 219 22.15 -14.07 6.69
CA PHE A 219 20.96 -14.67 6.09
C PHE A 219 21.34 -15.81 5.16
N GLN A 220 20.41 -16.71 4.97
CA GLN A 220 20.55 -17.85 4.04
C GLN A 220 19.46 -17.76 2.99
N SER A 221 19.55 -18.59 1.95
CA SER A 221 18.64 -18.48 0.81
C SER A 221 18.10 -19.82 0.37
N VAL A 222 16.95 -19.79 -0.31
CA VAL A 222 16.48 -20.91 -1.14
C VAL A 222 16.58 -20.40 -2.58
N ASN A 223 16.93 -21.30 -3.50
CA ASN A 223 17.17 -20.83 -4.87
C ASN A 223 16.68 -21.69 -5.99
N GLU A 224 16.60 -21.05 -7.13
CA GLU A 224 16.29 -21.70 -8.37
C GLU A 224 16.95 -20.97 -9.55
N THR A 225 17.27 -21.74 -10.56
CA THR A 225 17.89 -21.15 -11.73
C THR A 225 16.86 -21.27 -12.82
N ALA A 226 16.29 -20.16 -13.27
CA ALA A 226 15.35 -20.23 -14.41
C ALA A 226 16.07 -20.77 -15.64
N GLN A 227 15.28 -21.19 -16.63
CA GLN A 227 15.78 -21.82 -17.87
C GLN A 227 16.77 -20.95 -18.65
N ASN A 228 16.62 -19.63 -18.51
CA ASN A 228 17.50 -18.68 -19.21
C ASN A 228 18.76 -18.32 -18.39
N GLY A 229 19.00 -19.08 -17.32
CA GLY A 229 20.17 -18.86 -16.49
C GLY A 229 20.00 -17.82 -15.40
N VAL A 230 18.88 -17.11 -15.37
CA VAL A 230 18.67 -16.13 -14.30
C VAL A 230 18.56 -16.85 -12.96
N LEU A 231 19.44 -16.48 -12.04
CA LEU A 231 19.45 -17.06 -10.72
C LEU A 231 18.44 -16.29 -9.83
N ILE A 232 17.55 -17.04 -9.21
CA ILE A 232 16.50 -16.53 -8.34
C ILE A 232 16.78 -17.04 -6.93
N ARG A 233 16.80 -16.12 -5.97
CA ARG A 233 17.00 -16.43 -4.56
C ARG A 233 16.07 -15.64 -3.64
N ILE A 234 15.57 -16.30 -2.62
CA ILE A 234 14.79 -15.73 -1.53
C ILE A 234 15.68 -15.88 -0.27
N TRP A 235 15.98 -14.73 0.33
CA TRP A 235 16.88 -14.64 1.50
C TRP A 235 16.07 -14.32 2.76
N ALA A 236 16.42 -14.98 3.86
CA ALA A 236 15.79 -14.74 5.14
C ALA A 236 16.68 -15.21 6.28
N ARG A 237 16.28 -14.88 7.51
CA ARG A 237 16.90 -15.43 8.73
C ARG A 237 17.07 -16.96 8.59
N PRO A 238 18.21 -17.49 9.07
CA PRO A 238 18.46 -18.93 8.98
C PRO A 238 17.28 -19.79 9.43
N ASN A 239 16.70 -19.48 10.58
CA ASN A 239 15.58 -20.29 11.10
C ASN A 239 14.30 -20.18 10.29
N ALA A 240 14.06 -19.02 9.65
CA ALA A 240 12.91 -18.88 8.73
C ALA A 240 13.11 -19.74 7.48
N ILE A 241 14.33 -19.74 6.93
CA ILE A 241 14.66 -20.60 5.78
C ILE A 241 14.50 -22.08 6.12
N ALA A 242 15.06 -22.51 7.26
CA ALA A 242 14.99 -23.91 7.68
C ALA A 242 13.55 -24.37 7.89
N GLU A 243 12.67 -23.44 8.26
CA GLU A 243 11.23 -23.71 8.44
C GLU A 243 10.44 -23.86 7.13
N GLY A 244 11.06 -23.48 6.01
CA GLY A 244 10.38 -23.59 4.69
C GLY A 244 9.58 -22.36 4.30
N HIS A 245 9.73 -21.29 5.06
CA HIS A 245 8.87 -20.11 4.89
C HIS A 245 9.16 -19.27 3.65
N GLY A 246 10.32 -19.50 3.03
CA GLY A 246 10.61 -18.84 1.76
C GLY A 246 10.08 -19.56 0.54
N MET A 247 9.44 -20.70 0.71
CA MET A 247 9.12 -21.56 -0.46
C MET A 247 8.03 -21.00 -1.38
N TYR A 248 7.00 -20.38 -0.82
CA TYR A 248 5.95 -19.80 -1.67
C TYR A 248 6.48 -18.67 -2.54
N ALA A 249 7.26 -17.78 -1.94
CA ALA A 249 7.92 -16.69 -2.67
C ALA A 249 8.81 -17.22 -3.81
N LEU A 250 9.58 -18.27 -3.52
CA LEU A 250 10.38 -18.91 -4.52
C LEU A 250 9.50 -19.50 -5.63
N ASN A 251 8.41 -20.17 -5.26
CA ASN A 251 7.50 -20.81 -6.23
C ASN A 251 6.94 -19.79 -7.23
N VAL A 252 6.55 -18.61 -6.75
CA VAL A 252 5.87 -17.66 -7.64
C VAL A 252 6.78 -16.73 -8.43
N THR A 253 8.04 -16.59 -8.02
CA THR A 253 8.92 -15.55 -8.57
C THR A 253 9.24 -15.81 -10.05
N GLY A 254 9.64 -17.05 -10.33
CA GLY A 254 9.91 -17.55 -11.70
C GLY A 254 8.77 -17.26 -12.68
N PRO A 255 7.56 -17.75 -12.38
CA PRO A 255 6.43 -17.44 -13.24
C PRO A 255 6.16 -15.94 -13.37
N ILE A 256 6.33 -15.17 -12.28
CA ILE A 256 6.06 -13.75 -12.35
C ILE A 256 7.04 -13.06 -13.26
N LEU A 257 8.34 -13.37 -13.11
CA LEU A 257 9.34 -12.77 -13.98
C LEU A 257 9.09 -13.14 -15.46
N ASN A 258 8.67 -14.37 -15.73
CA ASN A 258 8.37 -14.79 -17.11
C ASN A 258 7.19 -14.02 -17.66
N PHE A 259 6.20 -13.83 -16.82
CA PHE A 259 5.03 -13.09 -17.26
C PHE A 259 5.42 -11.69 -17.70
N PHE A 260 6.16 -10.98 -16.87
CA PHE A 260 6.51 -9.62 -17.17
C PHE A 260 7.47 -9.51 -18.36
N ALA A 261 8.47 -10.38 -18.49
CA ALA A 261 9.34 -10.34 -19.67
C ALA A 261 8.47 -10.34 -20.98
N ASN A 262 7.51 -11.25 -21.05
CA ASN A 262 6.56 -11.28 -22.18
C ASN A 262 5.61 -10.06 -22.26
N HIS A 263 5.08 -9.64 -21.12
CA HIS A 263 4.09 -8.54 -21.08
C HIS A 263 4.70 -7.26 -21.62
N TYR A 264 5.95 -7.05 -21.22
CA TYR A 264 6.74 -5.89 -21.54
C TYR A 264 7.52 -6.03 -22.87
N ASN A 265 7.52 -7.23 -23.44
CA ASN A 265 8.24 -7.48 -24.69
C ASN A 265 9.73 -7.18 -24.53
N THR A 266 10.24 -7.39 -23.31
CA THR A 266 11.60 -7.03 -22.91
C THR A 266 12.21 -8.06 -21.93
N SER A 267 13.41 -8.54 -22.23
CA SER A 267 14.06 -9.46 -21.31
C SER A 267 14.32 -8.81 -19.97
N TYR A 268 14.20 -9.61 -18.91
CA TYR A 268 14.61 -9.19 -17.57
C TYR A 268 16.04 -8.67 -17.68
N PRO A 269 16.30 -7.44 -17.25
CA PRO A 269 17.56 -6.80 -17.64
C PRO A 269 18.77 -7.07 -16.72
N LEU A 270 18.70 -8.08 -15.86
CA LEU A 270 19.75 -8.34 -14.88
C LEU A 270 20.12 -9.83 -14.89
N PRO A 271 21.30 -10.15 -14.35
CA PRO A 271 21.70 -11.58 -14.37
C PRO A 271 21.06 -12.39 -13.23
N LYS A 272 20.58 -11.73 -12.19
CA LYS A 272 19.97 -12.43 -11.07
C LYS A 272 18.89 -11.59 -10.40
N SER A 273 18.12 -12.27 -9.56
CA SER A 273 17.07 -11.67 -8.75
C SER A 273 17.17 -12.22 -7.31
N ASP A 274 17.45 -11.32 -6.37
CA ASP A 274 17.43 -11.61 -4.97
C ASP A 274 16.24 -10.83 -4.41
N GLN A 275 15.54 -11.46 -3.47
CA GLN A 275 14.49 -10.82 -2.72
C GLN A 275 14.80 -11.23 -1.28
N ILE A 276 14.68 -10.27 -0.35
CA ILE A 276 15.08 -10.47 1.03
C ILE A 276 13.99 -10.06 2.02
N ALA A 277 13.75 -10.95 2.98
CA ALA A 277 12.78 -10.75 4.04
C ALA A 277 13.46 -10.18 5.30
N LEU A 278 13.13 -8.95 5.63
CA LEU A 278 13.77 -8.26 6.75
C LEU A 278 12.80 -8.12 7.93
N PRO A 279 13.22 -8.45 9.15
CA PRO A 279 12.31 -8.31 10.27
C PRO A 279 11.94 -6.81 10.54
N ASP A 280 10.66 -6.50 10.68
CA ASP A 280 10.18 -5.09 10.94
C ASP A 280 10.60 -3.93 9.97
N PHE A 281 10.70 -4.22 8.69
CA PHE A 281 11.02 -3.20 7.66
C PHE A 281 9.77 -2.40 7.44
N ASN A 282 9.72 -1.20 7.99
CA ASN A 282 8.45 -0.44 8.10
C ASN A 282 7.99 0.17 6.79
N ALA A 283 8.90 0.25 5.83
CA ALA A 283 8.53 0.73 4.53
C ALA A 283 7.78 -0.32 3.69
N GLY A 284 7.65 -1.54 4.23
CA GLY A 284 6.93 -2.62 3.56
C GLY A 284 7.67 -3.40 2.48
N ALA A 285 8.07 -2.70 1.40
CA ALA A 285 8.85 -3.31 0.30
C ALA A 285 9.53 -2.20 -0.49
N MET A 286 10.67 -2.47 -1.12
CA MET A 286 11.39 -1.48 -1.91
C MET A 286 12.05 -2.19 -3.08
N GLU A 287 11.79 -1.63 -4.27
CA GLU A 287 12.10 -2.28 -5.56
C GLU A 287 13.57 -2.19 -6.04
N ASN A 288 14.51 -2.09 -5.13
CA ASN A 288 15.93 -1.98 -5.50
C ASN A 288 16.26 -3.00 -6.59
N TRP A 289 16.97 -2.50 -7.59
CA TRP A 289 17.10 -3.23 -8.84
C TRP A 289 18.02 -4.46 -8.66
N GLY A 290 17.41 -5.63 -8.65
CA GLY A 290 18.12 -6.90 -8.44
C GLY A 290 18.25 -7.34 -6.99
N LEU A 291 17.80 -6.49 -6.06
CA LEU A 291 17.85 -6.78 -4.62
C LEU A 291 16.68 -6.07 -3.88
N VAL A 292 15.51 -6.68 -4.00
CA VAL A 292 14.29 -6.12 -3.53
C VAL A 292 14.11 -6.52 -2.07
N THR A 293 13.84 -5.54 -1.25
CA THR A 293 13.63 -5.73 0.19
C THR A 293 12.15 -5.77 0.54
N TYR A 294 11.82 -6.60 1.53
CA TYR A 294 10.46 -6.75 2.02
C TYR A 294 10.47 -6.92 3.53
N ARG A 295 9.41 -6.54 4.20
CA ARG A 295 9.23 -6.97 5.56
C ARG A 295 8.84 -8.44 5.54
N GLU A 296 9.15 -9.18 6.59
CA GLU A 296 8.99 -10.62 6.58
C GLU A 296 7.58 -11.08 6.34
N ASN A 297 6.61 -10.42 6.95
CA ASN A 297 5.19 -10.79 6.77
C ASN A 297 4.75 -10.61 5.34
N ALA A 298 5.53 -9.86 4.56
CA ALA A 298 5.14 -9.68 3.19
C ALA A 298 5.76 -10.68 2.24
N LEU A 299 6.88 -11.29 2.62
CA LEU A 299 7.59 -12.19 1.68
C LEU A 299 7.46 -13.65 2.11
N LEU A 300 7.44 -13.88 3.43
CA LEU A 300 7.44 -15.24 3.96
C LEU A 300 6.02 -15.71 4.20
N PHE A 301 5.85 -17.02 4.17
CA PHE A 301 4.54 -17.64 4.30
C PHE A 301 4.71 -18.97 5.04
N ASP A 302 3.94 -19.15 6.10
CA ASP A 302 3.94 -20.41 6.84
C ASP A 302 2.62 -21.10 6.56
N PRO A 303 2.64 -22.17 5.75
CA PRO A 303 1.35 -22.81 5.40
C PRO A 303 0.54 -23.29 6.60
N GLN A 304 1.18 -23.69 7.68
CA GLN A 304 0.47 -24.24 8.83
C GLN A 304 -0.25 -23.19 9.67
N SER A 305 0.18 -21.95 9.60
CA SER A 305 -0.45 -20.94 10.44
C SER A 305 -0.99 -19.76 9.66
N SER A 306 -0.61 -19.63 8.39
CA SER A 306 -1.05 -18.49 7.57
C SER A 306 -2.37 -18.73 6.86
N SER A 307 -3.19 -17.68 6.77
CA SER A 307 -4.45 -17.76 6.04
C SER A 307 -4.18 -17.52 4.57
N ILE A 308 -5.19 -17.80 3.76
CA ILE A 308 -5.16 -17.53 2.32
C ILE A 308 -4.97 -16.03 1.99
N SER A 309 -5.49 -15.11 2.81
CA SER A 309 -5.35 -13.69 2.47
C SER A 309 -3.88 -13.29 2.62
N ASN A 310 -3.23 -13.96 3.55
CA ASN A 310 -1.80 -13.96 3.68
C ASN A 310 -1.05 -14.35 2.38
N LYS A 311 -1.51 -15.42 1.75
CA LYS A 311 -0.92 -15.89 0.50
C LYS A 311 -1.16 -14.86 -0.61
N GLU A 312 -2.36 -14.30 -0.63
CA GLU A 312 -2.67 -13.26 -1.60
C GLU A 312 -1.77 -12.06 -1.43
N ARG A 313 -1.48 -11.69 -0.18
CA ARG A 313 -0.55 -10.61 0.04
C ARG A 313 0.84 -10.90 -0.47
N VAL A 314 1.35 -12.10 -0.24
CA VAL A 314 2.69 -12.42 -0.73
C VAL A 314 2.77 -12.35 -2.25
N VAL A 315 1.86 -13.00 -2.94
CA VAL A 315 2.00 -13.05 -4.40
C VAL A 315 1.81 -11.69 -5.05
N THR A 316 0.90 -10.86 -4.53
CA THR A 316 0.70 -9.52 -5.12
C THR A 316 1.85 -8.52 -4.84
N VAL A 317 2.38 -8.54 -3.63
N VAL A 317 2.39 -8.51 -3.62
CA VAL A 317 3.52 -7.70 -3.27
CA VAL A 317 3.54 -7.66 -3.29
C VAL A 317 4.75 -8.05 -4.09
C VAL A 317 4.76 -8.04 -4.10
N ILE A 318 4.97 -9.32 -4.34
CA ILE A 318 6.09 -9.75 -5.21
C ILE A 318 5.88 -9.24 -6.62
N ALA A 319 4.67 -9.44 -7.13
CA ALA A 319 4.36 -9.03 -8.49
C ALA A 319 4.53 -7.52 -8.67
N HIS A 320 4.16 -6.77 -7.65
CA HIS A 320 4.33 -5.33 -7.64
C HIS A 320 5.81 -4.91 -7.77
N GLU A 321 6.61 -5.44 -6.88
CA GLU A 321 8.02 -5.08 -6.87
C GLU A 321 8.72 -5.55 -8.14
N LEU A 322 8.42 -6.74 -8.59
CA LEU A 322 9.06 -7.26 -9.80
C LEU A 322 8.64 -6.45 -11.03
N ALA A 323 7.42 -5.90 -11.01
CA ALA A 323 6.97 -5.08 -12.13
C ALA A 323 7.90 -3.90 -12.36
N HIS A 324 8.42 -3.31 -11.27
CA HIS A 324 9.31 -2.15 -11.36
C HIS A 324 10.65 -2.47 -11.98
N GLN A 325 11.03 -3.75 -12.00
CA GLN A 325 12.36 -4.12 -12.53
C GLN A 325 12.46 -3.72 -14.00
N TRP A 326 11.30 -3.43 -14.59
CA TRP A 326 11.25 -2.80 -15.91
C TRP A 326 10.65 -1.40 -15.77
N PHE A 327 9.40 -1.32 -15.33
CA PHE A 327 8.72 -0.01 -15.31
C PHE A 327 9.07 0.72 -14.03
N GLY A 328 9.94 1.72 -14.13
CA GLY A 328 10.50 2.43 -12.98
C GLY A 328 12.04 2.36 -12.90
N ASN A 329 12.59 1.16 -13.10
CA ASN A 329 14.04 0.89 -12.89
C ASN A 329 14.79 0.93 -14.22
N LEU A 330 14.26 0.22 -15.21
CA LEU A 330 14.84 0.29 -16.58
C LEU A 330 14.53 1.63 -17.24
N VAL A 331 13.26 2.04 -17.19
CA VAL A 331 12.85 3.35 -17.67
C VAL A 331 12.32 4.07 -16.43
N THR A 332 12.98 5.15 -16.09
CA THR A 332 12.78 5.85 -14.82
C THR A 332 12.11 7.21 -15.06
N LEU A 333 11.07 7.52 -14.28
CA LEU A 333 10.48 8.86 -14.36
C LEU A 333 11.49 9.92 -13.93
N ALA A 334 11.58 11.01 -14.69
CA ALA A 334 12.63 11.97 -14.54
C ALA A 334 12.57 12.71 -13.24
N TRP A 335 11.37 12.84 -12.67
CA TRP A 335 11.25 13.57 -11.41
C TRP A 335 10.10 13.05 -10.58
N TRP A 336 10.20 13.29 -9.27
CA TRP A 336 9.25 12.80 -8.26
C TRP A 336 7.79 13.25 -8.47
N ASN A 337 7.58 14.36 -9.18
CA ASN A 337 6.18 14.76 -9.45
C ASN A 337 5.41 13.77 -10.30
N ASP A 338 6.11 12.89 -11.04
CA ASP A 338 5.51 11.83 -11.82
C ASP A 338 5.54 10.48 -11.12
N LEU A 339 5.76 10.49 -9.81
CA LEU A 339 5.77 9.25 -9.01
C LEU A 339 4.50 8.44 -9.28
N TRP A 340 3.34 9.12 -9.38
CA TRP A 340 2.06 8.46 -9.55
C TRP A 340 2.09 7.52 -10.76
N LEU A 341 2.80 7.89 -11.83
CA LEU A 341 2.85 6.96 -12.97
C LEU A 341 3.59 5.64 -12.65
N ASN A 342 4.73 5.76 -11.96
CA ASN A 342 5.51 4.58 -11.58
C ASN A 342 4.75 3.68 -10.58
N GLU A 343 4.35 4.26 -9.44
CA GLU A 343 3.60 3.51 -8.43
C GLU A 343 2.21 3.10 -8.89
N GLY A 344 1.53 3.96 -9.65
CA GLY A 344 0.18 3.62 -10.16
C GLY A 344 0.28 2.48 -11.14
N PHE A 345 1.28 2.53 -12.04
CA PHE A 345 1.48 1.42 -12.98
C PHE A 345 1.73 0.08 -12.26
N ALA A 346 2.67 0.05 -11.32
CA ALA A 346 2.97 -1.20 -10.55
C ALA A 346 1.74 -1.65 -9.74
N SER A 347 1.00 -0.69 -9.22
CA SER A 347 -0.17 -1.00 -8.41
C SER A 347 -1.31 -1.63 -9.23
N TYR A 348 -1.33 -1.35 -10.53
CA TYR A 348 -2.24 -2.05 -11.46
C TYR A 348 -1.68 -3.39 -11.90
N VAL A 349 -0.47 -3.42 -12.46
CA VAL A 349 0.02 -4.68 -13.04
C VAL A 349 0.39 -5.74 -12.03
N GLU A 350 0.50 -5.38 -10.75
CA GLU A 350 0.70 -6.41 -9.73
C GLU A 350 -0.39 -7.45 -9.79
N TYR A 351 -1.64 -7.04 -10.11
CA TYR A 351 -2.72 -8.03 -10.25
C TYR A 351 -2.53 -8.93 -11.47
N LEU A 352 -2.04 -8.38 -12.58
CA LEU A 352 -1.77 -9.18 -13.78
C LEU A 352 -0.66 -10.21 -13.53
N GLY A 353 0.47 -9.76 -12.99
CA GLY A 353 1.58 -10.67 -12.70
C GLY A 353 1.15 -11.73 -11.69
N ALA A 354 0.44 -11.32 -10.62
CA ALA A 354 0.01 -12.30 -9.64
C ALA A 354 -1.01 -13.29 -10.23
N ASP A 355 -1.86 -12.82 -11.12
CA ASP A 355 -2.86 -13.71 -11.79
C ASP A 355 -2.16 -14.80 -12.60
N HIS A 356 -1.03 -14.45 -13.21
CA HIS A 356 -0.25 -15.44 -13.94
C HIS A 356 0.26 -16.57 -13.04
N ALA A 357 0.71 -16.23 -11.82
CA ALA A 357 1.20 -17.22 -10.87
C ALA A 357 0.09 -18.03 -10.22
N GLU A 358 -1.08 -17.42 -10.05
CA GLU A 358 -2.23 -18.08 -9.44
C GLU A 358 -3.49 -17.88 -10.32
N PRO A 359 -3.54 -18.54 -11.47
CA PRO A 359 -4.56 -18.24 -12.47
C PRO A 359 -6.01 -18.62 -12.13
N THR A 360 -6.22 -19.45 -11.10
CA THR A 360 -7.57 -19.89 -10.72
C THR A 360 -8.21 -18.94 -9.72
N TRP A 361 -7.48 -17.90 -9.32
CA TRP A 361 -7.94 -17.08 -8.19
C TRP A 361 -8.72 -15.83 -8.60
N ASN A 362 -8.81 -15.56 -9.89
CA ASN A 362 -9.42 -14.33 -10.36
C ASN A 362 -8.91 -13.06 -9.69
N LEU A 363 -7.60 -12.99 -9.46
CA LEU A 363 -7.03 -11.88 -8.71
C LEU A 363 -7.25 -10.53 -9.30
N LYS A 364 -7.38 -10.44 -10.63
CA LYS A 364 -7.61 -9.12 -11.24
C LYS A 364 -8.81 -8.38 -10.70
N ASP A 365 -9.82 -9.12 -10.26
CA ASP A 365 -11.04 -8.50 -9.74
C ASP A 365 -10.75 -7.65 -8.49
N LEU A 366 -9.71 -8.01 -7.73
CA LEU A 366 -9.45 -7.40 -6.43
C LEU A 366 -9.05 -5.91 -6.46
N ILE A 367 -8.60 -5.44 -7.63
CA ILE A 367 -8.35 -4.03 -7.80
C ILE A 367 -9.57 -3.14 -7.51
N VAL A 368 -10.76 -3.68 -7.71
CA VAL A 368 -11.98 -2.91 -7.52
C VAL A 368 -12.22 -2.59 -6.03
N PRO A 369 -12.38 -3.62 -5.19
CA PRO A 369 -12.49 -3.24 -3.75
C PRO A 369 -11.17 -2.67 -3.17
N GLY A 370 -10.04 -3.16 -3.65
CA GLY A 370 -8.72 -2.87 -3.07
C GLY A 370 -8.13 -1.52 -3.41
N ASP A 371 -8.39 -1.01 -4.60
CA ASP A 371 -7.84 0.28 -5.01
C ASP A 371 -8.91 1.27 -5.47
N VAL A 372 -9.82 0.84 -6.34
CA VAL A 372 -10.84 1.77 -6.92
C VAL A 372 -11.74 2.36 -5.83
N TYR A 373 -12.50 1.53 -5.13
CA TYR A 373 -13.43 2.07 -4.15
C TYR A 373 -12.70 2.63 -2.93
N ARG A 374 -11.52 2.12 -2.67
CA ARG A 374 -10.73 2.62 -1.56
C ARG A 374 -10.33 4.07 -1.83
N VAL A 375 -9.73 4.35 -2.97
CA VAL A 375 -9.29 5.72 -3.25
C VAL A 375 -10.43 6.70 -3.55
N MET A 376 -11.52 6.20 -4.13
CA MET A 376 -12.73 7.01 -4.31
C MET A 376 -13.24 7.63 -3.00
N ALA A 377 -13.07 6.96 -1.87
CA ALA A 377 -13.45 7.54 -0.57
C ALA A 377 -12.71 8.85 -0.28
N VAL A 378 -11.43 8.94 -0.65
CA VAL A 378 -10.66 10.18 -0.42
C VAL A 378 -10.66 11.14 -1.63
N ASP A 379 -10.89 10.62 -2.82
CA ASP A 379 -10.95 11.46 -4.03
C ASP A 379 -12.33 12.11 -4.22
N ALA A 380 -13.29 11.75 -3.37
CA ALA A 380 -14.63 12.32 -3.40
C ALA A 380 -14.77 13.37 -2.29
N LEU A 381 -13.62 13.96 -1.97
CA LEU A 381 -13.49 15.04 -1.03
C LEU A 381 -12.97 16.31 -1.69
N ALA A 382 -13.40 17.43 -1.16
CA ALA A 382 -12.92 18.74 -1.60
C ALA A 382 -11.43 18.94 -1.35
N SER A 383 -10.86 18.15 -0.44
CA SER A 383 -9.44 18.29 -0.09
C SER A 383 -8.52 17.31 -0.84
N SER A 384 -9.03 16.67 -1.90
CA SER A 384 -8.22 15.83 -2.74
C SER A 384 -7.22 16.65 -3.57
N HIS A 385 -6.53 16.00 -4.50
CA HIS A 385 -5.57 16.66 -5.36
C HIS A 385 -5.42 15.86 -6.65
N PRO A 386 -5.02 16.54 -7.76
CA PRO A 386 -4.81 15.83 -9.03
C PRO A 386 -3.65 14.83 -8.95
N LEU A 387 -3.66 13.83 -9.81
CA LEU A 387 -2.53 12.88 -9.92
C LEU A 387 -1.27 13.64 -10.22
N THR A 388 -1.40 14.62 -11.09
CA THR A 388 -0.30 15.43 -11.60
C THR A 388 0.09 16.58 -10.68
N THR A 389 1.39 16.91 -10.54
CA THR A 389 1.81 18.10 -9.80
C THR A 389 2.89 18.75 -10.67
N PRO A 390 2.87 20.07 -10.79
CA PRO A 390 3.95 20.70 -11.53
C PRO A 390 5.33 20.36 -10.94
N ALA A 391 6.29 20.04 -11.81
CA ALA A 391 7.64 19.62 -11.36
C ALA A 391 8.31 20.64 -10.44
N GLU A 392 8.08 21.92 -10.74
CA GLU A 392 8.70 23.00 -10.05
C GLU A 392 8.09 23.29 -8.66
N GLU A 393 7.02 22.59 -8.29
CA GLU A 393 6.45 22.68 -6.93
C GLU A 393 6.94 21.53 -6.03
N VAL A 394 7.65 20.57 -6.62
CA VAL A 394 8.18 19.43 -5.87
C VAL A 394 9.70 19.55 -5.74
N ASN A 395 10.17 20.08 -4.61
CA ASN A 395 11.61 20.39 -4.47
C ASN A 395 12.32 19.80 -3.28
N THR A 396 11.70 19.90 -2.11
CA THR A 396 12.36 19.51 -0.86
C THR A 396 12.16 18.01 -0.63
N PRO A 397 13.00 17.41 0.24
CA PRO A 397 12.74 16.00 0.56
C PRO A 397 11.34 15.77 1.14
N ALA A 398 10.82 16.70 1.94
CA ALA A 398 9.46 16.59 2.48
C ALA A 398 8.42 16.66 1.36
N GLN A 399 8.59 17.55 0.39
CA GLN A 399 7.63 17.61 -0.75
C GLN A 399 7.62 16.34 -1.60
N ILE A 400 8.81 15.75 -1.76
CA ILE A 400 8.95 14.48 -2.46
C ILE A 400 8.21 13.37 -1.70
N SER A 401 8.35 13.33 -0.38
CA SER A 401 7.65 12.32 0.45
C SER A 401 6.13 12.38 0.33
N GLU A 402 5.59 13.58 0.15
CA GLU A 402 4.15 13.71 0.04
C GLU A 402 3.62 13.16 -1.28
N MET A 403 4.49 12.83 -2.25
CA MET A 403 4.03 12.17 -3.50
C MET A 403 3.52 10.73 -3.26
N PHE A 404 4.00 10.11 -2.21
CA PHE A 404 3.69 8.71 -1.93
C PHE A 404 2.39 8.56 -1.12
N ASP A 405 1.26 8.73 -1.77
CA ASP A 405 -0.01 8.60 -1.04
C ASP A 405 -1.02 7.76 -1.83
N SER A 406 -2.23 7.66 -1.27
CA SER A 406 -3.31 6.86 -1.79
C SER A 406 -3.65 7.27 -3.23
N ILE A 407 -3.71 8.58 -3.48
CA ILE A 407 -4.04 9.08 -4.82
C ILE A 407 -2.98 8.54 -5.82
N SER A 408 -1.70 8.75 -5.53
CA SER A 408 -0.64 8.31 -6.45
C SER A 408 -0.72 6.82 -6.77
N TYR A 409 -0.83 6.01 -5.73
CA TYR A 409 -0.87 4.57 -5.90
C TYR A 409 -2.20 4.00 -6.42
N SER A 410 -3.28 4.27 -5.71
CA SER A 410 -4.57 3.65 -5.99
C SER A 410 -5.37 4.34 -7.13
N LYS A 411 -5.34 5.66 -7.18
CA LYS A 411 -5.98 6.35 -8.30
C LYS A 411 -5.12 6.16 -9.55
N GLY A 412 -3.79 6.27 -9.40
CA GLY A 412 -2.87 5.88 -10.46
C GLY A 412 -3.20 4.54 -11.09
N ALA A 413 -3.36 3.51 -10.25
CA ALA A 413 -3.70 2.19 -10.74
C ALA A 413 -5.04 2.23 -11.47
N SER A 414 -6.02 2.90 -10.88
CA SER A 414 -7.39 2.88 -11.41
C SER A 414 -7.44 3.50 -12.81
N VAL A 415 -6.75 4.61 -12.95
CA VAL A 415 -6.76 5.40 -14.18
C VAL A 415 -6.01 4.67 -15.28
N ILE A 416 -4.90 4.02 -14.93
CA ILE A 416 -4.11 3.27 -15.88
C ILE A 416 -4.87 2.05 -16.35
N ARG A 417 -5.52 1.33 -15.45
CA ARG A 417 -6.39 0.21 -15.79
C ARG A 417 -7.52 0.66 -16.76
N MET A 418 -8.12 1.82 -16.46
CA MET A 418 -9.15 2.38 -17.31
C MET A 418 -8.64 2.57 -18.73
N LEU A 419 -7.44 3.14 -18.85
CA LEU A 419 -6.74 3.41 -20.10
C LEU A 419 -6.43 2.12 -20.88
N SER A 420 -5.85 1.13 -20.21
CA SER A 420 -5.60 -0.13 -20.85
C SER A 420 -6.92 -0.71 -21.36
N ASN A 421 -7.98 -0.61 -20.58
CA ASN A 421 -9.24 -1.16 -21.01
C ASN A 421 -9.87 -0.50 -22.26
N PHE A 422 -9.81 0.82 -22.31
CA PHE A 422 -10.40 1.54 -23.46
C PHE A 422 -9.53 1.48 -24.72
N LEU A 423 -8.23 1.33 -24.55
CA LEU A 423 -7.33 0.98 -25.63
C LEU A 423 -7.41 -0.47 -26.09
N THR A 424 -7.77 -1.35 -25.19
CA THR A 424 -7.61 -2.79 -25.30
C THR A 424 -6.21 -3.15 -24.86
N GLU A 425 -6.07 -4.29 -24.24
CA GLU A 425 -4.79 -4.68 -23.66
C GLU A 425 -3.73 -4.85 -24.71
N ASP A 426 -4.10 -5.42 -25.84
CA ASP A 426 -3.15 -5.65 -26.93
C ASP A 426 -2.49 -4.37 -27.41
N LEU A 427 -3.31 -3.34 -27.58
CA LEU A 427 -2.83 -2.05 -28.05
C LEU A 427 -2.01 -1.35 -26.98
N PHE A 428 -2.49 -1.39 -25.74
CA PHE A 428 -1.74 -0.83 -24.60
C PHE A 428 -0.35 -1.48 -24.48
N LYS A 429 -0.28 -2.81 -24.60
CA LYS A 429 1.01 -3.51 -24.54
C LYS A 429 1.96 -3.13 -25.69
N GLU A 430 1.40 -2.88 -26.87
CA GLU A 430 2.22 -2.41 -27.99
C GLU A 430 2.89 -1.07 -27.69
N GLY A 431 2.11 -0.10 -27.20
CA GLY A 431 2.67 1.20 -26.86
C GLY A 431 3.65 1.12 -25.69
N LEU A 432 3.31 0.30 -24.73
CA LEU A 432 4.13 0.11 -23.54
C LEU A 432 5.50 -0.46 -23.95
N ALA A 433 5.51 -1.46 -24.84
CA ALA A 433 6.77 -2.02 -25.41
C ALA A 433 7.62 -0.97 -26.12
N SER A 434 6.95 -0.18 -26.96
CA SER A 434 7.59 0.89 -27.72
C SER A 434 8.25 1.93 -26.78
N TYR A 435 7.54 2.28 -25.71
CA TYR A 435 8.06 3.19 -24.71
C TYR A 435 9.29 2.62 -24.00
N LEU A 436 9.19 1.38 -23.53
CA LEU A 436 10.33 0.75 -22.84
C LEU A 436 11.56 0.67 -23.73
N HIS A 437 11.34 0.30 -25.00
CA HIS A 437 12.50 0.12 -25.91
C HIS A 437 13.15 1.44 -26.27
N ALA A 438 12.34 2.49 -26.45
CA ALA A 438 12.85 3.80 -26.80
C ALA A 438 13.59 4.42 -25.65
N PHE A 439 13.15 4.17 -24.41
CA PHE A 439 13.73 4.89 -23.27
C PHE A 439 14.59 4.04 -22.30
N ALA A 440 14.92 2.80 -22.68
CA ALA A 440 15.67 1.91 -21.81
C ALA A 440 16.93 2.60 -21.29
N TYR A 441 17.17 2.48 -19.99
CA TYR A 441 18.31 3.10 -19.28
C TYR A 441 18.27 4.65 -19.29
N GLN A 442 17.11 5.22 -19.54
CA GLN A 442 16.96 6.65 -19.56
C GLN A 442 15.79 7.09 -18.68
N ASN A 443 15.36 8.33 -18.86
CA ASN A 443 14.23 8.86 -18.12
C ASN A 443 13.14 9.50 -18.98
N THR A 444 11.95 9.61 -18.43
CA THR A 444 10.73 9.98 -19.11
C THR A 444 9.83 10.87 -18.26
N THR A 445 8.82 11.47 -18.88
CA THR A 445 7.67 12.00 -18.16
C THR A 445 6.44 11.21 -18.66
N TYR A 446 5.30 11.40 -17.98
CA TYR A 446 4.09 10.70 -18.34
C TYR A 446 3.71 10.98 -19.81
N LEU A 447 4.07 12.16 -20.30
CA LEU A 447 3.75 12.54 -21.71
C LEU A 447 4.42 11.61 -22.71
N ASP A 448 5.57 11.07 -22.35
CA ASP A 448 6.23 10.07 -23.20
C ASP A 448 5.47 8.77 -23.32
N LEU A 449 4.89 8.26 -22.25
CA LEU A 449 4.05 7.09 -22.37
C LEU A 449 2.83 7.38 -23.26
N TRP A 450 2.18 8.53 -23.07
CA TRP A 450 1.00 8.87 -23.86
C TRP A 450 1.33 8.92 -25.37
N GLU A 451 2.48 9.50 -25.70
CA GLU A 451 2.97 9.59 -27.08
C GLU A 451 3.14 8.21 -27.71
N HIS A 452 3.78 7.31 -26.97
CA HIS A 452 3.94 5.96 -27.47
C HIS A 452 2.62 5.18 -27.60
N LEU A 453 1.72 5.38 -26.65
CA LEU A 453 0.37 4.83 -26.78
C LEU A 453 -0.38 5.42 -27.99
N GLN A 454 -0.21 6.73 -28.25
CA GLN A 454 -0.84 7.35 -29.44
C GLN A 454 -0.27 6.79 -30.74
N LYS A 455 1.04 6.55 -30.74
CA LYS A 455 1.66 5.91 -31.89
C LYS A 455 0.97 4.56 -32.17
N ALA A 456 0.75 3.76 -31.12
CA ALA A 456 0.05 2.48 -31.27
C ALA A 456 -1.40 2.69 -31.80
N VAL A 457 -2.13 3.62 -31.22
CA VAL A 457 -3.48 3.94 -31.70
C VAL A 457 -3.46 4.33 -33.20
N ASP A 458 -2.51 5.19 -33.57
CA ASP A 458 -2.44 5.70 -34.94
C ASP A 458 -2.02 4.61 -35.93
N ALA A 459 -1.36 3.55 -35.45
CA ALA A 459 -0.93 2.47 -36.34
C ALA A 459 -1.99 1.40 -36.59
N GLN A 460 -3.21 1.61 -36.12
CA GLN A 460 -4.30 0.64 -36.32
C GLN A 460 -5.65 1.34 -36.63
N THR A 461 -6.68 0.57 -37.01
CA THR A 461 -7.95 1.16 -37.50
C THR A 461 -9.17 0.71 -36.74
N SER A 462 -8.97 -0.12 -35.75
CA SER A 462 -10.05 -0.77 -35.07
C SER A 462 -10.58 0.10 -33.93
N ILE A 463 -9.68 0.48 -33.04
CA ILE A 463 -10.02 1.30 -31.88
C ILE A 463 -9.97 2.76 -32.31
N ARG A 464 -11.10 3.45 -32.22
CA ARG A 464 -11.20 4.87 -32.52
C ARG A 464 -11.59 5.61 -31.24
N LEU A 465 -10.92 6.72 -30.97
CA LEU A 465 -11.11 7.46 -29.72
C LEU A 465 -11.72 8.83 -30.05
N PRO A 466 -12.41 9.46 -29.08
CA PRO A 466 -13.05 10.76 -29.37
C PRO A 466 -12.05 11.91 -29.37
N ASP A 467 -10.83 11.64 -28.92
CA ASP A 467 -9.78 12.66 -28.91
C ASP A 467 -8.44 11.91 -28.78
N THR A 468 -7.35 12.65 -28.67
CA THR A 468 -6.03 12.03 -28.49
C THR A 468 -5.95 11.40 -27.10
N VAL A 469 -5.06 10.42 -26.96
CA VAL A 469 -4.84 9.78 -25.66
C VAL A 469 -4.50 10.84 -24.61
N ARG A 470 -3.66 11.79 -24.97
CA ARG A 470 -3.28 12.85 -24.02
C ARG A 470 -4.48 13.71 -23.58
N ALA A 471 -5.33 14.09 -24.54
CA ALA A 471 -6.46 14.96 -24.19
C ALA A 471 -7.43 14.23 -23.25
N ILE A 472 -7.62 12.93 -23.48
CA ILE A 472 -8.50 12.14 -22.62
C ILE A 472 -7.90 12.03 -21.21
N MET A 473 -6.64 11.60 -21.17
CA MET A 473 -5.96 11.38 -19.90
C MET A 473 -5.75 12.68 -19.09
N ASP A 474 -5.59 13.81 -19.77
CA ASP A 474 -5.54 15.11 -19.10
C ASP A 474 -6.75 15.34 -18.19
N ARG A 475 -7.94 14.89 -18.61
CA ARG A 475 -9.15 15.04 -17.78
C ARG A 475 -9.02 14.24 -16.48
N TRP A 476 -8.28 13.13 -16.54
CA TRP A 476 -8.16 12.23 -15.39
C TRP A 476 -6.92 12.49 -14.52
N THR A 477 -6.01 13.31 -15.03
CA THR A 477 -4.72 13.56 -14.36
C THR A 477 -4.46 15.02 -13.91
N LEU A 478 -5.02 16.01 -14.61
CA LEU A 478 -4.80 17.41 -14.32
C LEU A 478 -5.82 18.00 -13.34
N GLN A 479 -6.94 17.35 -13.15
CA GLN A 479 -7.90 17.79 -12.16
C GLN A 479 -8.17 16.64 -11.20
N MET A 480 -8.52 16.99 -9.97
CA MET A 480 -8.83 16.00 -8.95
C MET A 480 -10.23 15.44 -9.20
N GLY A 481 -10.53 14.37 -8.47
CA GLY A 481 -11.89 13.88 -8.35
C GLY A 481 -12.33 13.00 -9.49
N PHE A 482 -13.63 12.71 -9.50
CA PHE A 482 -14.22 11.87 -10.53
C PHE A 482 -15.72 12.20 -10.61
N PRO A 483 -16.37 11.83 -11.73
CA PRO A 483 -17.79 12.15 -11.87
C PRO A 483 -18.73 11.06 -11.35
N VAL A 484 -19.94 11.48 -11.00
CA VAL A 484 -21.07 10.57 -10.94
C VAL A 484 -21.78 10.69 -12.28
N ILE A 485 -22.03 9.54 -12.92
CA ILE A 485 -22.81 9.47 -14.15
C ILE A 485 -24.24 9.07 -13.77
N THR A 486 -25.19 9.91 -14.13
CA THR A 486 -26.59 9.69 -13.79
C THR A 486 -27.38 9.46 -15.08
N VAL A 487 -28.13 8.37 -15.13
CA VAL A 487 -28.91 8.00 -16.31
C VAL A 487 -30.43 8.10 -15.99
N ASP A 488 -31.17 8.76 -16.87
CA ASP A 488 -32.65 8.68 -16.86
C ASP A 488 -33.07 7.71 -17.97
N THR A 489 -33.40 6.48 -17.57
CA THR A 489 -33.70 5.41 -18.54
C THR A 489 -34.98 5.59 -19.33
N LYS A 490 -35.86 6.51 -18.92
CA LYS A 490 -37.09 6.76 -19.67
C LYS A 490 -36.84 7.54 -20.96
N THR A 491 -35.81 8.37 -20.96
CA THR A 491 -35.45 9.26 -22.07
C THR A 491 -34.09 8.89 -22.69
N GLY A 492 -33.24 8.24 -21.89
CA GLY A 492 -31.87 7.96 -22.29
C GLY A 492 -30.89 9.11 -22.04
N ASN A 493 -31.33 10.14 -21.31
CA ASN A 493 -30.48 11.28 -20.97
C ASN A 493 -29.39 10.81 -19.98
N ILE A 494 -28.18 11.31 -20.15
CA ILE A 494 -27.04 10.93 -19.28
C ILE A 494 -26.34 12.22 -18.90
N SER A 495 -25.96 12.34 -17.64
CA SER A 495 -25.31 13.55 -17.15
C SER A 495 -24.09 13.18 -16.32
N GLN A 496 -23.14 14.11 -16.25
CA GLN A 496 -21.96 13.93 -15.38
C GLN A 496 -21.82 15.15 -14.50
N LYS A 497 -21.42 14.91 -13.25
CA LYS A 497 -20.99 15.99 -12.36
C LYS A 497 -19.94 15.50 -11.36
N HIS A 498 -19.09 16.41 -10.94
CA HIS A 498 -18.02 16.10 -9.96
C HIS A 498 -18.70 15.51 -8.71
N PHE A 499 -18.32 14.30 -8.32
CA PHE A 499 -18.96 13.64 -7.18
C PHE A 499 -18.30 13.97 -5.85
N LEU A 500 -19.03 14.57 -4.92
CA LEU A 500 -18.54 14.73 -3.54
C LEU A 500 -19.47 14.03 -2.55
N LEU A 501 -18.90 13.28 -1.62
CA LEU A 501 -19.70 12.58 -0.62
C LEU A 501 -20.50 13.57 0.25
N ASP A 502 -19.90 14.73 0.48
CA ASP A 502 -20.55 15.78 1.25
C ASP A 502 -21.22 16.79 0.31
N SER A 503 -22.53 16.61 0.15
CA SER A 503 -23.36 17.46 -0.72
C SER A 503 -23.41 18.94 -0.35
N GLU A 504 -22.83 19.29 0.81
CA GLU A 504 -22.74 20.70 1.24
C GLU A 504 -21.30 21.26 1.15
N SER A 505 -20.38 20.49 0.54
CA SER A 505 -18.97 20.89 0.44
C SER A 505 -18.71 21.98 -0.54
N ASN A 506 -17.85 22.91 -0.16
CA ASN A 506 -17.33 23.91 -1.09
C ASN A 506 -15.99 23.47 -1.72
N VAL A 507 -16.00 23.26 -3.03
CA VAL A 507 -14.78 23.00 -3.79
C VAL A 507 -14.13 24.34 -4.12
N THR A 508 -12.88 24.51 -3.74
CA THR A 508 -12.17 25.73 -4.02
C THR A 508 -10.99 25.53 -4.93
N ARG A 509 -10.50 24.30 -5.09
CA ARG A 509 -9.53 24.01 -6.13
C ARG A 509 -10.18 24.13 -7.52
N SER A 510 -9.67 25.04 -8.35
CA SER A 510 -10.26 25.21 -9.67
C SER A 510 -9.68 24.23 -10.69
N SER A 511 -10.50 23.86 -11.67
CA SER A 511 -10.08 22.97 -12.75
C SER A 511 -10.10 23.74 -14.04
N ALA A 512 -9.09 23.47 -14.84
CA ALA A 512 -9.00 24.03 -16.17
C ALA A 512 -10.10 23.47 -17.08
N PHE A 513 -10.78 22.42 -16.64
CA PHE A 513 -11.85 21.74 -17.38
C PHE A 513 -13.25 21.88 -16.80
N ASP A 514 -13.35 22.68 -15.74
CA ASP A 514 -14.62 22.90 -15.06
C ASP A 514 -15.19 21.60 -14.52
N TYR A 515 -14.33 20.67 -14.10
CA TYR A 515 -14.80 19.36 -13.58
C TYR A 515 -15.78 18.64 -14.55
N LEU A 516 -15.37 18.59 -15.81
CA LEU A 516 -15.98 17.75 -16.82
C LEU A 516 -14.91 16.80 -17.33
N TRP A 517 -15.33 15.56 -17.55
CA TRP A 517 -14.41 14.53 -17.99
C TRP A 517 -14.84 14.02 -19.38
N ILE A 518 -13.94 13.28 -20.01
CA ILE A 518 -14.23 12.50 -21.21
C ILE A 518 -14.24 11.06 -20.74
N VAL A 519 -15.42 10.45 -20.78
CA VAL A 519 -15.68 9.21 -20.03
C VAL A 519 -16.05 8.03 -20.88
N PRO A 520 -15.26 6.96 -20.76
CA PRO A 520 -15.57 5.72 -21.45
C PRO A 520 -16.64 4.92 -20.66
N ILE A 521 -17.72 4.57 -21.36
CA ILE A 521 -18.87 3.96 -20.75
C ILE A 521 -19.31 2.68 -21.46
N SER A 522 -18.98 1.55 -20.85
CA SER A 522 -19.50 0.27 -21.28
C SER A 522 -20.87 0.09 -20.63
N SER A 523 -21.68 -0.76 -21.21
CA SER A 523 -22.98 -1.01 -20.61
C SER A 523 -23.50 -2.35 -21.03
N ILE A 524 -24.44 -2.82 -20.24
CA ILE A 524 -25.04 -4.10 -20.43
C ILE A 524 -26.55 -3.85 -20.34
N LYS A 525 -27.31 -4.42 -21.26
CA LYS A 525 -28.75 -4.23 -21.24
C LYS A 525 -29.42 -5.58 -21.20
N ASN A 526 -30.19 -5.85 -20.15
CA ASN A 526 -30.81 -7.18 -19.93
C ASN A 526 -29.77 -8.29 -20.04
N GLY A 527 -28.57 -8.05 -19.52
CA GLY A 527 -27.52 -9.06 -19.54
C GLY A 527 -26.76 -9.24 -20.84
N VAL A 528 -26.97 -8.34 -21.78
CA VAL A 528 -26.26 -8.41 -23.06
C VAL A 528 -25.42 -7.16 -23.23
N MET A 529 -24.13 -7.34 -23.56
CA MET A 529 -23.23 -6.20 -23.73
C MET A 529 -23.76 -5.31 -24.82
N GLN A 530 -23.61 -4.01 -24.64
CA GLN A 530 -24.02 -3.09 -25.69
C GLN A 530 -22.78 -2.51 -26.33
N ASP A 531 -22.96 -1.76 -27.41
CA ASP A 531 -21.86 -1.02 -28.02
C ASP A 531 -21.31 -0.03 -27.01
N HIS A 532 -20.00 0.17 -27.06
CA HIS A 532 -19.31 1.10 -26.19
C HIS A 532 -19.68 2.55 -26.52
N TYR A 533 -19.64 3.43 -25.51
CA TYR A 533 -20.02 4.85 -25.67
C TYR A 533 -19.01 5.73 -25.00
N TRP A 534 -18.75 6.90 -25.58
CA TRP A 534 -17.97 7.92 -24.87
C TRP A 534 -18.83 9.15 -24.56
N LEU A 535 -18.91 9.52 -23.28
CA LEU A 535 -19.44 10.82 -22.91
C LEU A 535 -18.36 11.89 -23.15
N ARG A 536 -18.69 12.85 -24.00
CA ARG A 536 -17.75 13.94 -24.27
C ARG A 536 -17.72 14.93 -23.12
N ASP A 537 -16.90 15.98 -23.25
CA ASP A 537 -16.79 17.00 -22.18
C ASP A 537 -18.04 17.88 -22.20
N VAL A 538 -19.18 17.27 -21.90
CA VAL A 538 -20.46 17.99 -21.75
C VAL A 538 -21.17 17.52 -20.49
N SER A 539 -21.95 18.42 -19.88
CA SER A 539 -22.73 18.12 -18.69
C SER A 539 -23.80 17.08 -18.93
N GLN A 540 -24.34 17.12 -20.15
CA GLN A 540 -25.51 16.36 -20.54
C GLN A 540 -25.44 15.87 -21.95
N ALA A 541 -25.89 14.66 -22.17
CA ALA A 541 -26.07 14.12 -23.50
C ALA A 541 -27.24 13.14 -23.45
N GLN A 542 -27.50 12.49 -24.58
CA GLN A 542 -28.61 11.55 -24.72
C GLN A 542 -28.19 10.46 -25.69
N ASN A 543 -28.47 9.22 -25.34
CA ASN A 543 -28.29 8.13 -26.27
C ASN A 543 -29.27 7.03 -26.01
N ASP A 544 -29.77 6.42 -27.07
CA ASP A 544 -30.74 5.33 -26.97
C ASP A 544 -30.16 4.07 -26.30
N LEU A 545 -28.83 3.96 -26.25
CA LEU A 545 -28.19 2.89 -25.47
C LEU A 545 -28.67 2.90 -24.03
N PHE A 546 -29.01 4.09 -23.51
CA PHE A 546 -29.39 4.27 -22.11
C PHE A 546 -30.89 4.48 -21.91
N LYS A 547 -31.66 4.22 -22.96
CA LYS A 547 -33.12 4.31 -22.89
C LYS A 547 -33.66 2.90 -22.80
N THR A 548 -34.54 2.68 -21.81
CA THR A 548 -35.17 1.37 -21.61
C THR A 548 -36.68 1.36 -21.85
N ALA A 549 -37.20 0.15 -22.02
CA ALA A 549 -38.60 -0.14 -21.81
C ALA A 549 -38.80 -0.56 -20.35
N SER A 550 -40.00 -0.38 -19.81
CA SER A 550 -40.21 -0.58 -18.35
C SER A 550 -39.99 -2.02 -17.83
N ASP A 551 -39.85 -2.98 -18.74
CA ASP A 551 -39.50 -4.37 -18.38
C ASP A 551 -38.00 -4.65 -18.64
N ASP A 552 -37.32 -3.72 -19.30
CA ASP A 552 -35.89 -3.84 -19.54
C ASP A 552 -35.07 -3.21 -18.40
N TRP A 553 -33.78 -3.50 -18.35
CA TRP A 553 -32.91 -2.76 -17.47
C TRP A 553 -31.57 -2.54 -18.16
N VAL A 554 -30.90 -1.49 -17.73
CA VAL A 554 -29.58 -1.22 -18.25
C VAL A 554 -28.65 -0.96 -17.07
N LEU A 555 -27.37 -1.30 -17.24
CA LEU A 555 -26.39 -1.12 -16.19
C LEU A 555 -25.10 -0.63 -16.83
N LEU A 556 -24.51 0.41 -16.28
CA LEU A 556 -23.30 1.05 -16.80
C LEU A 556 -21.99 0.63 -16.09
N ASN A 557 -20.85 0.87 -16.73
CA ASN A 557 -19.52 0.55 -16.20
C ASN A 557 -19.25 -0.90 -15.86
N VAL A 558 -19.20 -1.73 -16.88
CA VAL A 558 -19.04 -3.14 -16.68
C VAL A 558 -17.71 -3.41 -15.99
N ASN A 559 -17.76 -4.20 -14.95
CA ASN A 559 -16.59 -4.53 -14.16
C ASN A 559 -15.89 -3.32 -13.53
N VAL A 560 -16.59 -2.19 -13.46
CA VAL A 560 -16.02 -0.93 -12.93
C VAL A 560 -14.59 -0.68 -13.48
N THR A 561 -14.44 -0.80 -14.80
CA THR A 561 -13.18 -0.46 -15.46
C THR A 561 -12.98 1.06 -15.53
N GLY A 562 -14.09 1.79 -15.56
CA GLY A 562 -14.06 3.24 -15.57
C GLY A 562 -14.02 3.83 -14.16
N TYR A 563 -13.24 4.90 -13.98
CA TYR A 563 -13.08 5.57 -12.68
C TYR A 563 -14.21 6.57 -12.43
N PHE A 564 -15.41 6.02 -12.16
CA PHE A 564 -16.61 6.80 -11.88
C PHE A 564 -17.68 5.94 -11.20
N GLN A 565 -18.68 6.59 -10.60
CA GLN A 565 -19.81 5.90 -10.00
C GLN A 565 -21.08 6.22 -10.78
N VAL A 566 -22.07 5.33 -10.69
CA VAL A 566 -23.27 5.47 -11.52
C VAL A 566 -24.57 5.55 -10.71
N ASN A 567 -25.42 6.50 -11.10
CA ASN A 567 -26.79 6.57 -10.60
C ASN A 567 -27.83 6.47 -11.69
N TYR A 568 -29.00 5.92 -11.32
CA TYR A 568 -30.14 5.70 -12.23
C TYR A 568 -31.41 6.31 -11.62
N ASP A 569 -32.41 6.60 -12.46
CA ASP A 569 -33.77 6.84 -11.99
C ASP A 569 -34.25 5.63 -11.17
N GLU A 570 -35.19 5.86 -10.27
CA GLU A 570 -35.67 4.84 -9.33
C GLU A 570 -36.21 3.58 -10.00
N ASP A 571 -36.94 3.73 -11.11
CA ASP A 571 -37.51 2.57 -11.82
C ASP A 571 -36.43 1.61 -12.32
N ASN A 572 -35.33 2.13 -12.85
CA ASN A 572 -34.22 1.27 -13.29
C ASN A 572 -33.52 0.57 -12.12
N TRP A 573 -33.33 1.27 -11.01
CA TRP A 573 -32.84 0.63 -9.81
C TRP A 573 -33.71 -0.57 -9.43
N ARG A 574 -35.03 -0.37 -9.43
CA ARG A 574 -35.95 -1.46 -9.05
C ARG A 574 -35.89 -2.62 -10.04
N MET A 575 -35.69 -2.33 -11.33
CA MET A 575 -35.51 -3.40 -12.31
C MET A 575 -34.20 -4.18 -12.06
N ILE A 576 -33.12 -3.47 -11.72
CA ILE A 576 -31.85 -4.14 -11.38
C ILE A 576 -32.05 -5.04 -10.15
N GLN A 577 -32.71 -4.51 -9.12
CA GLN A 577 -33.04 -5.27 -7.93
C GLN A 577 -33.85 -6.54 -8.22
N HIS A 578 -34.90 -6.40 -9.01
CA HIS A 578 -35.70 -7.55 -9.45
C HIS A 578 -34.83 -8.63 -10.11
N GLN A 579 -33.94 -8.20 -11.00
CA GLN A 579 -33.03 -9.13 -11.67
C GLN A 579 -32.12 -9.85 -10.67
N LEU A 580 -31.57 -9.11 -9.73
CA LEU A 580 -30.68 -9.67 -8.72
C LEU A 580 -31.42 -10.63 -7.79
N GLN A 581 -32.70 -10.36 -7.56
CA GLN A 581 -33.53 -11.25 -6.73
C GLN A 581 -34.01 -12.51 -7.45
N THR A 582 -34.07 -12.49 -8.79
CA THR A 582 -34.64 -13.64 -9.52
C THR A 582 -33.61 -14.44 -10.34
N ASN A 583 -32.59 -13.78 -10.90
CA ASN A 583 -31.45 -14.48 -11.52
C ASN A 583 -30.22 -13.55 -11.54
N LEU A 584 -29.48 -13.58 -10.43
CA LEU A 584 -28.32 -12.71 -10.23
C LEU A 584 -27.18 -13.02 -11.18
N SER A 585 -27.11 -14.23 -11.70
CA SER A 585 -25.94 -14.66 -12.47
C SER A 585 -25.87 -13.97 -13.84
N VAL A 586 -26.92 -13.24 -14.20
CA VAL A 586 -27.00 -12.43 -15.41
C VAL A 586 -26.20 -11.13 -15.27
N ILE A 587 -25.95 -10.69 -14.04
CA ILE A 587 -25.14 -9.49 -13.80
C ILE A 587 -23.75 -9.90 -13.31
N PRO A 588 -22.70 -9.41 -13.98
CA PRO A 588 -21.34 -9.80 -13.62
C PRO A 588 -21.08 -9.56 -12.15
N VAL A 589 -20.32 -10.44 -11.52
CA VAL A 589 -20.17 -10.38 -10.08
C VAL A 589 -19.64 -9.01 -9.60
N ILE A 590 -18.71 -8.43 -10.34
CA ILE A 590 -18.14 -7.13 -9.95
C ILE A 590 -19.25 -6.07 -9.96
N ASN A 591 -20.17 -6.16 -10.92
CA ASN A 591 -21.25 -5.18 -10.94
C ASN A 591 -22.32 -5.42 -9.87
N ARG A 592 -22.45 -6.66 -9.40
CA ARG A 592 -23.34 -6.92 -8.26
C ARG A 592 -22.79 -6.24 -7.02
N ALA A 593 -21.46 -6.10 -6.96
CA ALA A 593 -20.82 -5.32 -5.89
C ALA A 593 -20.96 -3.83 -6.11
N GLN A 594 -20.78 -3.40 -7.34
CA GLN A 594 -20.87 -1.98 -7.72
C GLN A 594 -22.17 -1.34 -7.29
N VAL A 595 -23.26 -2.06 -7.52
CA VAL A 595 -24.58 -1.56 -7.20
C VAL A 595 -24.70 -1.16 -5.72
N ILE A 596 -24.09 -1.96 -4.86
CA ILE A 596 -24.04 -1.74 -3.40
C ILE A 596 -23.06 -0.60 -3.07
N TYR A 597 -21.81 -0.70 -3.55
CA TYR A 597 -20.82 0.34 -3.33
C TYR A 597 -21.32 1.73 -3.73
N ASP A 598 -21.75 1.85 -4.99
CA ASP A 598 -22.20 3.13 -5.54
C ASP A 598 -23.42 3.68 -4.78
N SER A 599 -24.43 2.84 -4.55
CA SER A 599 -25.65 3.32 -3.94
C SER A 599 -25.45 3.80 -2.50
N PHE A 600 -24.56 3.18 -1.72
CA PHE A 600 -24.27 3.73 -0.38
C PHE A 600 -23.57 5.06 -0.45
N ASN A 601 -22.63 5.21 -1.38
CA ASN A 601 -21.99 6.51 -1.59
C ASN A 601 -23.02 7.58 -2.05
N LEU A 602 -23.89 7.23 -2.98
CA LEU A 602 -24.95 8.15 -3.43
C LEU A 602 -25.89 8.57 -2.30
N ALA A 603 -26.23 7.62 -1.41
CA ALA A 603 -27.05 7.94 -0.25
C ALA A 603 -26.33 8.92 0.69
N THR A 604 -25.03 8.70 0.96
CA THR A 604 -24.22 9.66 1.70
C THR A 604 -24.29 11.06 1.09
N ALA A 605 -24.19 11.13 -0.24
CA ALA A 605 -24.20 12.40 -0.97
C ALA A 605 -25.62 12.93 -1.21
N HIS A 606 -26.61 12.26 -0.61
CA HIS A 606 -28.02 12.61 -0.72
C HIS A 606 -28.57 12.54 -2.14
N MET A 607 -28.05 11.63 -2.96
CA MET A 607 -28.50 11.48 -4.34
C MET A 607 -29.51 10.35 -4.51
N VAL A 608 -29.58 9.45 -3.52
CA VAL A 608 -30.66 8.49 -3.43
C VAL A 608 -31.04 8.42 -1.97
N PRO A 609 -32.24 7.92 -1.65
CA PRO A 609 -32.55 7.74 -0.22
C PRO A 609 -31.76 6.54 0.33
N VAL A 610 -31.53 6.55 1.65
CA VAL A 610 -30.70 5.53 2.25
C VAL A 610 -31.37 4.15 2.11
N THR A 611 -32.70 4.16 2.01
CA THR A 611 -33.50 2.95 1.85
C THR A 611 -33.31 2.29 0.48
N LEU A 612 -32.86 3.05 -0.51
CA LEU A 612 -32.58 2.48 -1.83
C LEU A 612 -31.27 1.68 -1.76
N ALA A 613 -30.27 2.25 -1.11
CA ALA A 613 -29.01 1.53 -0.81
C ALA A 613 -29.28 0.24 -0.02
N LEU A 614 -30.06 0.32 1.06
CA LEU A 614 -30.41 -0.88 1.83
C LEU A 614 -31.18 -1.91 0.98
N ASP A 615 -32.14 -1.43 0.17
CA ASP A 615 -32.84 -2.31 -0.78
C ASP A 615 -31.87 -3.11 -1.67
N ASN A 616 -30.74 -2.49 -2.03
CA ASN A 616 -29.70 -3.16 -2.85
C ASN A 616 -28.95 -4.29 -2.14
N THR A 617 -29.22 -4.49 -0.86
CA THR A 617 -28.62 -5.59 -0.12
C THR A 617 -29.56 -6.79 -0.05
N LEU A 618 -30.81 -6.60 -0.43
CA LEU A 618 -31.82 -7.64 -0.28
C LEU A 618 -31.51 -8.90 -1.07
N PHE A 619 -30.91 -8.77 -2.25
CA PHE A 619 -30.57 -9.97 -3.03
C PHE A 619 -29.53 -10.88 -2.37
N LEU A 620 -28.86 -10.38 -1.35
CA LEU A 620 -27.69 -11.09 -0.80
C LEU A 620 -28.00 -12.44 -0.20
N ASN A 621 -29.27 -12.71 0.14
CA ASN A 621 -29.61 -14.04 0.68
C ASN A 621 -29.37 -15.18 -0.32
N GLY A 622 -29.31 -14.88 -1.61
CA GLY A 622 -29.04 -15.89 -2.63
C GLY A 622 -27.62 -15.77 -3.20
N GLU A 623 -26.85 -14.83 -2.67
CA GLU A 623 -25.50 -14.58 -3.15
C GLU A 623 -24.47 -15.47 -2.45
N LYS A 624 -23.69 -16.18 -3.27
CA LYS A 624 -22.59 -17.01 -2.76
C LYS A 624 -21.19 -16.39 -2.96
N GLU A 625 -21.06 -15.39 -3.81
CA GLU A 625 -19.74 -14.92 -4.18
C GLU A 625 -19.20 -13.89 -3.20
N TYR A 626 -17.89 -13.74 -3.17
CA TYR A 626 -17.22 -12.85 -2.24
C TYR A 626 -17.57 -11.37 -2.41
N MET A 627 -17.39 -10.80 -3.60
CA MET A 627 -17.36 -9.32 -3.66
C MET A 627 -18.63 -8.55 -3.22
N PRO A 628 -19.80 -9.02 -3.65
CA PRO A 628 -20.99 -8.27 -3.30
C PRO A 628 -21.25 -8.30 -1.79
N TRP A 629 -20.93 -9.42 -1.16
CA TRP A 629 -21.03 -9.49 0.30
C TRP A 629 -20.03 -8.52 0.95
N GLN A 630 -18.81 -8.51 0.44
CA GLN A 630 -17.79 -7.57 0.92
C GLN A 630 -18.25 -6.13 0.75
N ALA A 631 -18.89 -5.84 -0.37
CA ALA A 631 -19.44 -4.50 -0.59
C ALA A 631 -20.41 -4.07 0.51
N ALA A 632 -21.36 -4.94 0.80
CA ALA A 632 -22.33 -4.74 1.88
C ALA A 632 -21.67 -4.53 3.23
N LEU A 633 -20.76 -5.44 3.58
CA LEU A 633 -20.06 -5.33 4.87
C LEU A 633 -19.20 -4.07 4.99
N SER A 634 -18.47 -3.68 3.94
CA SER A 634 -17.73 -2.41 4.00
C SER A 634 -18.66 -1.22 4.12
N SER A 635 -19.82 -1.29 3.47
CA SER A 635 -20.73 -0.12 3.45
C SER A 635 -21.54 -0.04 4.73
N LEU A 636 -21.76 -1.18 5.37
CA LEU A 636 -22.52 -1.19 6.62
C LEU A 636 -21.71 -1.06 7.92
N SER A 637 -20.38 -1.14 7.87
CA SER A 637 -19.64 -1.09 9.14
C SER A 637 -19.85 0.23 9.87
N TYR A 638 -20.01 1.30 9.10
CA TYR A 638 -20.37 2.58 9.66
C TYR A 638 -21.74 2.53 10.33
N PHE A 639 -22.68 1.77 9.76
CA PHE A 639 -24.03 1.67 10.33
C PHE A 639 -23.93 0.96 11.67
N SER A 640 -23.08 -0.05 11.71
CA SER A 640 -22.87 -0.81 12.91
C SER A 640 -22.16 0.05 13.96
N LEU A 641 -21.15 0.80 13.54
CA LEU A 641 -20.47 1.74 14.41
C LEU A 641 -21.39 2.77 15.02
N MET A 642 -22.35 3.27 14.24
CA MET A 642 -23.23 4.31 14.78
C MET A 642 -24.35 3.74 15.62
N PHE A 643 -24.80 2.52 15.34
CA PHE A 643 -26.05 2.01 15.89
C PHE A 643 -25.90 0.83 16.86
N ASP A 644 -24.69 0.32 17.06
CA ASP A 644 -24.59 -0.91 17.83
C ASP A 644 -24.87 -0.74 19.33
N ARG A 645 -25.17 0.48 19.78
CA ARG A 645 -25.61 0.73 21.17
C ARG A 645 -27.03 1.26 21.26
N SER A 646 -27.77 1.14 20.16
CA SER A 646 -29.10 1.73 20.05
C SER A 646 -30.18 0.70 19.74
N GLU A 647 -31.44 1.15 19.77
CA GLU A 647 -32.57 0.29 19.42
C GLU A 647 -32.55 -0.19 17.96
N VAL A 648 -31.75 0.44 17.11
CA VAL A 648 -31.61 0.01 15.73
C VAL A 648 -30.88 -1.35 15.61
N TYR A 649 -30.09 -1.68 16.63
CA TYR A 649 -29.17 -2.81 16.51
C TYR A 649 -29.82 -4.17 16.42
N GLY A 650 -30.79 -4.45 17.28
CA GLY A 650 -31.52 -5.73 17.23
C GLY A 650 -32.06 -6.10 15.85
N PRO A 651 -32.80 -5.18 15.22
CA PRO A 651 -33.33 -5.34 13.87
C PRO A 651 -32.27 -5.48 12.80
N MET A 652 -31.19 -4.71 12.92
CA MET A 652 -30.06 -4.82 11.99
C MET A 652 -29.40 -6.20 12.08
N LYS A 653 -29.17 -6.64 13.31
CA LYS A 653 -28.65 -7.97 13.60
C LYS A 653 -29.55 -9.03 13.01
N LYS A 654 -30.84 -8.95 13.34
CA LYS A 654 -31.82 -9.90 12.84
C LYS A 654 -31.81 -9.89 11.31
N TYR A 655 -31.79 -8.69 10.71
CA TYR A 655 -31.69 -8.59 9.25
C TYR A 655 -30.45 -9.30 8.66
N LEU A 656 -29.29 -9.06 9.25
CA LEU A 656 -28.04 -9.68 8.73
C LEU A 656 -28.00 -11.20 8.94
N ARG A 657 -28.49 -11.63 10.10
CA ARG A 657 -28.63 -13.05 10.42
C ARG A 657 -29.48 -13.77 9.35
N LYS A 658 -30.54 -13.11 8.90
CA LYS A 658 -31.45 -13.68 7.91
C LYS A 658 -30.81 -13.73 6.53
N GLN A 659 -30.02 -12.71 6.20
CA GLN A 659 -29.34 -12.67 4.91
C GLN A 659 -28.20 -13.67 4.81
N VAL A 660 -27.49 -13.87 5.91
CA VAL A 660 -26.29 -14.70 5.90
C VAL A 660 -26.55 -16.18 6.15
N GLU A 661 -27.66 -16.51 6.83
CA GLU A 661 -27.95 -17.91 7.15
C GLU A 661 -27.86 -18.87 5.96
N PRO A 662 -28.50 -18.54 4.82
CA PRO A 662 -28.37 -19.46 3.68
C PRO A 662 -26.92 -19.67 3.24
N LEU A 663 -26.10 -18.61 3.24
CA LEU A 663 -24.69 -18.72 2.91
C LEU A 663 -23.94 -19.61 3.91
N PHE A 664 -24.12 -19.34 5.21
CA PHE A 664 -23.56 -20.20 6.25
C PHE A 664 -23.92 -21.65 5.99
N GLN A 665 -25.21 -21.91 5.77
CA GLN A 665 -25.67 -23.28 5.45
C GLN A 665 -25.01 -23.82 4.18
N HIS A 666 -24.91 -22.99 3.13
CA HIS A 666 -24.22 -23.41 1.89
C HIS A 666 -22.82 -23.95 2.19
N PHE A 667 -22.01 -23.18 2.91
CA PHE A 667 -20.63 -23.57 3.18
C PHE A 667 -20.55 -24.76 4.12
N GLU A 668 -21.53 -24.89 5.01
CA GLU A 668 -21.61 -26.05 5.92
C GLU A 668 -21.60 -27.37 5.15
N THR A 669 -22.36 -27.41 4.06
CA THR A 669 -22.39 -28.58 3.17
C THR A 669 -21.16 -28.62 2.27
N LEU A 670 -20.92 -27.52 1.53
CA LEU A 670 -19.77 -27.44 0.63
C LEU A 670 -18.49 -27.90 1.32
N THR A 671 -18.22 -27.41 2.52
CA THR A 671 -17.02 -27.76 3.28
C THR A 671 -17.04 -29.13 3.98
N LYS A 672 -18.11 -29.89 3.79
CA LYS A 672 -18.27 -31.20 4.47
C LYS A 672 -18.11 -31.03 5.98
N ASN A 673 -18.96 -30.16 6.52
CA ASN A 673 -18.99 -29.82 7.94
C ASN A 673 -17.69 -29.20 8.38
N TRP A 674 -17.26 -28.21 7.61
CA TRP A 674 -16.11 -27.37 7.93
C TRP A 674 -14.77 -28.13 7.92
N THR A 675 -14.74 -29.27 7.25
CA THR A 675 -13.54 -30.10 7.25
C THR A 675 -12.62 -29.84 6.06
N GLU A 676 -13.13 -29.23 5.01
CA GLU A 676 -12.25 -28.87 3.90
C GLU A 676 -12.65 -27.54 3.25
N ARG A 677 -11.66 -26.72 2.97
CA ARG A 677 -11.86 -25.37 2.50
C ARG A 677 -12.36 -25.37 1.06
N PRO A 678 -13.10 -24.32 0.66
CA PRO A 678 -13.37 -24.15 -0.75
C PRO A 678 -12.07 -24.12 -1.58
N GLU A 679 -12.18 -24.39 -2.86
CA GLU A 679 -11.01 -24.57 -3.67
C GLU A 679 -10.30 -23.25 -3.95
N ASN A 680 -11.00 -22.31 -4.58
CA ASN A 680 -10.35 -21.11 -5.08
C ASN A 680 -10.36 -19.94 -4.09
N LEU A 681 -9.58 -18.92 -4.36
CA LEU A 681 -9.43 -17.83 -3.40
C LEU A 681 -10.75 -17.12 -3.09
N MET A 682 -11.48 -16.72 -4.12
CA MET A 682 -12.70 -15.95 -3.92
C MET A 682 -13.71 -16.65 -3.02
N ASP A 683 -13.88 -17.95 -3.24
CA ASP A 683 -14.77 -18.75 -2.41
C ASP A 683 -14.26 -18.91 -0.98
N GLN A 684 -12.93 -18.94 -0.80
CA GLN A 684 -12.35 -18.99 0.56
C GLN A 684 -12.62 -17.68 1.26
N TYR A 685 -12.46 -16.59 0.55
CA TYR A 685 -12.78 -15.30 1.09
C TYR A 685 -14.26 -15.21 1.44
N SER A 686 -15.12 -15.72 0.59
CA SER A 686 -16.55 -15.67 0.86
C SER A 686 -16.89 -16.45 2.11
N GLU A 687 -16.31 -17.63 2.25
CA GLU A 687 -16.50 -18.41 3.47
C GLU A 687 -16.04 -17.66 4.75
N ILE A 688 -14.87 -17.03 4.70
CA ILE A 688 -14.34 -16.27 5.83
C ILE A 688 -15.32 -15.18 6.26
N ASN A 689 -15.80 -14.41 5.28
CA ASN A 689 -16.75 -13.33 5.56
C ASN A 689 -18.10 -13.87 6.06
N ALA A 690 -18.49 -15.03 5.54
CA ALA A 690 -19.77 -15.66 5.93
C ALA A 690 -19.74 -16.09 7.38
N ILE A 691 -18.64 -16.71 7.80
CA ILE A 691 -18.46 -17.13 9.20
C ILE A 691 -18.41 -15.90 10.09
N SER A 692 -17.65 -14.92 9.65
CA SER A 692 -17.51 -13.70 10.41
C SER A 692 -18.84 -12.97 10.60
N THR A 693 -19.60 -12.85 9.53
CA THR A 693 -20.90 -12.19 9.56
C THR A 693 -21.90 -12.97 10.40
N ALA A 694 -21.89 -14.29 10.26
CA ALA A 694 -22.78 -15.14 11.03
C ALA A 694 -22.53 -14.98 12.53
N CYS A 695 -21.30 -15.27 12.95
CA CYS A 695 -20.93 -15.24 14.36
C CYS A 695 -21.14 -13.89 15.02
N SER A 696 -20.79 -12.82 14.32
CA SER A 696 -20.87 -11.51 14.90
C SER A 696 -22.32 -11.02 14.99
N ASN A 697 -23.22 -11.55 14.16
CA ASN A 697 -24.65 -11.18 14.25
C ASN A 697 -25.48 -12.17 15.07
N GLY A 698 -24.82 -13.11 15.73
CA GLY A 698 -25.46 -14.01 16.68
C GLY A 698 -26.21 -15.20 16.11
N LEU A 699 -25.77 -15.71 14.98
CA LEU A 699 -26.36 -16.93 14.39
C LEU A 699 -26.01 -18.12 15.28
N PRO A 700 -27.01 -18.77 15.89
CA PRO A 700 -26.68 -19.87 16.81
C PRO A 700 -25.75 -20.96 16.26
N GLN A 701 -25.93 -21.33 14.99
CA GLN A 701 -25.14 -22.40 14.38
C GLN A 701 -23.67 -22.00 14.28
N CYS A 702 -23.39 -20.70 14.16
CA CYS A 702 -22.01 -20.23 14.09
C CYS A 702 -21.39 -20.20 15.48
N GLU A 703 -22.13 -19.65 16.45
CA GLU A 703 -21.66 -19.60 17.84
C GLU A 703 -21.32 -21.00 18.35
N ASN A 704 -22.17 -21.97 18.03
CA ASN A 704 -21.95 -23.36 18.39
C ASN A 704 -20.70 -23.95 17.72
N LEU A 705 -20.45 -23.58 16.46
CA LEU A 705 -19.22 -24.00 15.77
C LEU A 705 -17.96 -23.47 16.43
N ALA A 706 -18.01 -22.20 16.85
CA ALA A 706 -16.87 -21.54 17.46
C ALA A 706 -16.53 -22.18 18.81
N LYS A 707 -17.56 -22.38 19.63
CA LYS A 707 -17.42 -23.03 20.91
C LYS A 707 -16.86 -24.45 20.81
N THR A 708 -17.34 -25.24 19.85
CA THR A 708 -16.90 -26.63 19.71
C THR A 708 -15.44 -26.67 19.35
N LEU A 709 -15.05 -25.87 18.36
CA LEU A 709 -13.68 -25.86 17.90
C LEU A 709 -12.68 -25.37 18.95
N PHE A 710 -13.03 -24.31 19.66
CA PHE A 710 -12.18 -23.74 20.70
C PHE A 710 -12.09 -24.68 21.91
N ASP A 711 -13.20 -25.33 22.27
CA ASP A 711 -13.20 -26.36 23.32
C ASP A 711 -12.26 -27.49 22.93
N GLN A 712 -12.36 -27.92 21.68
CA GLN A 712 -11.48 -28.95 21.14
C GLN A 712 -10.01 -28.54 21.20
N TRP A 713 -9.71 -27.28 20.91
CA TRP A 713 -8.34 -26.79 20.97
C TRP A 713 -7.81 -26.79 22.42
N MET A 714 -8.62 -26.31 23.36
CA MET A 714 -8.21 -26.29 24.77
C MET A 714 -7.96 -27.68 25.35
N SER A 715 -8.63 -28.70 24.83
CA SER A 715 -8.42 -30.05 25.32
C SER A 715 -7.23 -30.71 24.62
N ASP A 716 -6.62 -30.04 23.65
CA ASP A 716 -5.42 -30.57 22.98
C ASP A 716 -4.61 -29.40 22.40
N PRO A 717 -3.97 -28.62 23.30
CA PRO A 717 -3.30 -27.36 22.93
C PRO A 717 -2.30 -27.43 21.80
N GLU A 718 -1.55 -28.53 21.67
CA GLU A 718 -0.51 -28.61 20.64
C GLU A 718 -1.03 -28.86 19.21
N ASN A 719 -2.27 -29.31 19.10
CA ASN A 719 -2.90 -29.55 17.81
C ASN A 719 -4.10 -28.62 17.58
N ASN A 720 -3.82 -27.42 17.09
CA ASN A 720 -4.85 -26.43 16.81
C ASN A 720 -5.74 -26.97 15.69
N PRO A 721 -7.04 -27.20 15.97
CA PRO A 721 -7.90 -27.74 14.93
C PRO A 721 -8.60 -26.68 14.08
N ILE A 722 -8.24 -25.42 14.27
CA ILE A 722 -8.91 -24.33 13.56
C ILE A 722 -8.05 -23.87 12.39
N HIS A 723 -8.58 -24.03 11.19
CA HIS A 723 -7.89 -23.59 9.99
C HIS A 723 -7.57 -22.08 10.05
N PRO A 724 -6.31 -21.71 9.73
CA PRO A 724 -5.87 -20.33 9.73
C PRO A 724 -6.88 -19.33 9.16
N ASN A 725 -7.61 -19.69 8.11
CA ASN A 725 -8.63 -18.81 7.50
C ASN A 725 -9.68 -18.34 8.50
N LEU A 726 -10.09 -19.25 9.38
CA LEU A 726 -11.21 -19.06 10.30
C LEU A 726 -10.80 -18.65 11.71
N ARG A 727 -9.50 -18.56 11.97
CA ARG A 727 -9.01 -18.30 13.33
C ARG A 727 -9.55 -17.04 13.96
N SER A 728 -9.46 -15.91 13.25
CA SER A 728 -9.85 -14.63 13.85
C SER A 728 -11.32 -14.64 14.36
N THR A 729 -12.23 -15.19 13.56
CA THR A 729 -13.63 -15.28 14.00
C THR A 729 -13.84 -16.29 15.11
N ILE A 730 -13.33 -17.50 14.93
CA ILE A 730 -13.54 -18.59 15.89
C ILE A 730 -12.97 -18.23 17.26
N TYR A 731 -11.74 -17.70 17.27
CA TYR A 731 -11.11 -17.22 18.51
C TYR A 731 -11.96 -16.15 19.17
N CYS A 732 -12.35 -15.13 18.41
CA CYS A 732 -13.10 -14.00 18.95
C CYS A 732 -14.43 -14.42 19.57
N ASN A 733 -15.21 -15.20 18.83
CA ASN A 733 -16.56 -15.56 19.25
C ASN A 733 -16.55 -16.49 20.45
N ALA A 734 -15.67 -17.49 20.43
CA ALA A 734 -15.48 -18.41 21.55
C ALA A 734 -15.04 -17.70 22.84
N ILE A 735 -14.18 -16.69 22.72
CA ILE A 735 -13.79 -15.86 23.87
C ILE A 735 -14.99 -15.00 24.35
N ALA A 736 -15.77 -14.49 23.40
CA ALA A 736 -16.98 -13.69 23.72
C ALA A 736 -17.98 -14.50 24.52
N GLN A 737 -18.21 -15.74 24.06
CA GLN A 737 -19.14 -16.65 24.72
C GLN A 737 -18.61 -17.11 26.07
N GLY A 738 -17.29 -17.24 26.18
CA GLY A 738 -16.68 -17.89 27.33
C GLY A 738 -16.33 -16.93 28.45
N GLY A 739 -15.39 -17.32 29.29
CA GLY A 739 -14.98 -16.49 30.41
C GLY A 739 -13.49 -16.61 30.64
N GLN A 740 -13.08 -16.69 31.90
CA GLN A 740 -11.66 -16.64 32.17
C GLN A 740 -10.90 -17.91 31.82
N ASP A 741 -11.57 -19.05 31.70
CA ASP A 741 -10.88 -20.27 31.21
C ASP A 741 -10.39 -20.05 29.79
N GLN A 742 -11.30 -19.60 28.91
CA GLN A 742 -10.95 -19.32 27.51
C GLN A 742 -9.94 -18.19 27.38
N TRP A 743 -10.14 -17.15 28.19
CA TRP A 743 -9.29 -15.98 28.14
C TRP A 743 -7.86 -16.33 28.57
N ASP A 744 -7.71 -17.01 29.71
CA ASP A 744 -6.39 -17.41 30.20
C ASP A 744 -5.67 -18.37 29.28
N PHE A 745 -6.43 -19.26 28.64
CA PHE A 745 -5.85 -20.16 27.66
C PHE A 745 -5.26 -19.41 26.45
N ALA A 746 -6.05 -18.52 25.88
CA ALA A 746 -5.62 -17.66 24.77
C ALA A 746 -4.45 -16.74 25.13
N TRP A 747 -4.45 -16.21 26.36
CA TRP A 747 -3.33 -15.37 26.81
C TRP A 747 -2.03 -16.17 26.84
N GLY A 748 -2.11 -17.39 27.37
CA GLY A 748 -0.99 -18.32 27.36
C GLY A 748 -0.49 -18.67 25.96
N GLN A 749 -1.42 -18.89 25.04
CA GLN A 749 -1.06 -19.10 23.63
C GLN A 749 -0.40 -17.86 23.04
N LEU A 750 -0.90 -16.67 23.38
CA LEU A 750 -0.26 -15.44 22.92
C LEU A 750 1.20 -15.33 23.39
N GLN A 751 1.46 -15.66 24.66
CA GLN A 751 2.79 -15.51 25.24
C GLN A 751 3.79 -16.52 24.73
N GLN A 752 3.34 -17.68 24.23
CA GLN A 752 4.26 -18.61 23.57
C GLN A 752 4.20 -18.57 22.02
N ALA A 753 3.38 -17.69 21.43
CA ALA A 753 3.29 -17.59 19.95
C ALA A 753 4.64 -17.21 19.37
N GLN A 754 5.04 -17.89 18.30
CA GLN A 754 6.31 -17.59 17.64
C GLN A 754 6.08 -16.68 16.45
N LEU A 755 4.90 -16.76 15.86
CA LEU A 755 4.62 -16.09 14.62
C LEU A 755 3.79 -14.86 14.85
N VAL A 756 4.24 -13.76 14.28
CA VAL A 756 3.61 -12.47 14.46
C VAL A 756 2.13 -12.54 14.12
N ASN A 757 1.80 -13.11 12.95
CA ASN A 757 0.39 -13.15 12.51
C ASN A 757 -0.54 -13.93 13.44
N GLU A 758 -0.01 -14.98 14.08
CA GLU A 758 -0.79 -15.73 15.07
C GLU A 758 -0.97 -14.91 16.34
N ALA A 759 0.11 -14.28 16.80
CA ALA A 759 0.05 -13.37 17.93
C ALA A 759 -0.99 -12.21 17.73
N ASP A 760 -1.04 -11.67 16.52
CA ASP A 760 -2.01 -10.60 16.20
C ASP A 760 -3.45 -11.04 16.38
N LYS A 761 -3.78 -12.21 15.86
CA LYS A 761 -5.14 -12.78 15.97
C LYS A 761 -5.55 -13.03 17.41
N LEU A 762 -4.59 -13.52 18.20
CA LEU A 762 -4.84 -13.74 19.62
C LEU A 762 -5.07 -12.42 20.35
N ARG A 763 -4.24 -11.41 20.07
CA ARG A 763 -4.35 -10.12 20.74
C ARG A 763 -5.71 -9.52 20.44
N SER A 764 -6.11 -9.65 19.19
CA SER A 764 -7.40 -9.15 18.75
C SER A 764 -8.57 -9.90 19.37
N ALA A 765 -8.48 -11.23 19.40
CA ALA A 765 -9.56 -12.05 19.96
C ALA A 765 -9.77 -11.85 21.46
N LEU A 766 -8.68 -11.55 22.19
CA LEU A 766 -8.75 -11.34 23.63
C LEU A 766 -9.64 -10.13 23.98
N ALA A 767 -9.72 -9.19 23.05
CA ALA A 767 -10.57 -7.99 23.20
C ALA A 767 -12.06 -8.29 23.02
N CYS A 768 -12.38 -9.53 22.64
CA CYS A 768 -13.77 -9.91 22.37
C CYS A 768 -14.52 -10.41 23.62
N SER A 769 -13.84 -10.47 24.76
CA SER A 769 -14.52 -10.90 25.98
C SER A 769 -15.70 -10.00 26.30
N ASN A 770 -16.74 -10.56 26.89
CA ASN A 770 -17.90 -9.78 27.34
C ASN A 770 -17.92 -9.59 28.86
N GLU A 771 -16.80 -9.88 29.51
CA GLU A 771 -16.65 -9.59 30.95
C GLU A 771 -15.90 -8.27 31.14
N VAL A 772 -16.56 -7.29 31.73
CA VAL A 772 -15.95 -5.98 32.02
C VAL A 772 -14.59 -6.17 32.72
N TRP A 773 -14.57 -7.04 33.73
CA TRP A 773 -13.37 -7.25 34.53
C TRP A 773 -12.17 -7.78 33.70
N LEU A 774 -12.43 -8.65 32.73
CA LEU A 774 -11.37 -9.18 31.87
C LEU A 774 -10.80 -8.11 30.95
N LEU A 775 -11.69 -7.25 30.44
CA LEU A 775 -11.28 -6.17 29.54
C LEU A 775 -10.48 -5.08 30.26
N ASN A 776 -10.88 -4.73 31.48
CA ASN A 776 -10.10 -3.80 32.30
C ASN A 776 -8.75 -4.37 32.69
N ARG A 777 -8.72 -5.65 33.06
CA ARG A 777 -7.47 -6.34 33.36
C ARG A 777 -6.57 -6.33 32.12
N TYR A 778 -7.15 -6.58 30.96
CA TYR A 778 -6.42 -6.53 29.67
C TYR A 778 -5.85 -5.13 29.37
N LEU A 779 -6.67 -4.10 29.51
CA LEU A 779 -6.21 -2.71 29.34
C LEU A 779 -5.00 -2.42 30.24
N GLY A 780 -5.06 -2.89 31.47
CA GLY A 780 -3.99 -2.74 32.44
C GLY A 780 -2.69 -3.36 31.93
N TYR A 781 -2.80 -4.41 31.13
CA TYR A 781 -1.62 -5.07 30.60
C TYR A 781 -0.99 -4.31 29.45
N THR A 782 -1.77 -3.46 28.79
CA THR A 782 -1.34 -2.92 27.50
C THR A 782 -0.12 -2.02 27.59
N LEU A 783 0.16 -1.52 28.79
CA LEU A 783 1.27 -0.59 28.98
C LEU A 783 2.46 -1.29 29.65
N ASN A 784 2.48 -2.62 29.57
CA ASN A 784 3.58 -3.39 30.11
C ASN A 784 4.34 -4.11 28.99
N PRO A 785 5.58 -3.66 28.73
CA PRO A 785 6.46 -4.23 27.72
C PRO A 785 6.77 -5.70 27.89
N ASP A 786 6.64 -6.20 29.12
CA ASP A 786 6.79 -7.63 29.39
C ASP A 786 5.66 -8.45 28.79
N LEU A 787 4.47 -7.86 28.68
CA LEU A 787 3.26 -8.60 28.30
C LEU A 787 2.72 -8.25 26.92
N ILE A 788 2.84 -6.98 26.55
CA ILE A 788 2.35 -6.45 25.28
C ILE A 788 3.42 -5.49 24.71
N ARG A 789 3.99 -5.81 23.54
CA ARG A 789 5.01 -4.94 22.93
C ARG A 789 4.52 -3.48 22.81
N LYS A 790 5.46 -2.54 22.83
CA LYS A 790 5.19 -1.11 22.59
C LYS A 790 4.39 -0.87 21.31
N GLN A 791 4.92 -1.39 20.22
CA GLN A 791 4.35 -1.21 18.89
C GLN A 791 2.92 -1.75 18.78
N ASP A 792 2.50 -2.53 19.76
CA ASP A 792 1.18 -3.18 19.78
C ASP A 792 0.21 -2.59 20.80
N ALA A 793 0.68 -1.64 21.62
CA ALA A 793 -0.16 -1.13 22.71
C ALA A 793 -1.42 -0.44 22.20
N THR A 794 -1.27 0.45 21.22
CA THR A 794 -2.42 1.22 20.72
C THR A 794 -3.42 0.38 19.92
N SER A 795 -2.92 -0.57 19.12
CA SER A 795 -3.76 -1.56 18.41
C SER A 795 -4.64 -2.31 19.38
N THR A 796 -4.03 -2.78 20.46
CA THR A 796 -4.71 -3.56 21.47
C THR A 796 -5.78 -2.73 22.16
N ILE A 797 -5.42 -1.53 22.62
CA ILE A 797 -6.42 -0.64 23.26
C ILE A 797 -7.58 -0.38 22.28
N ASN A 798 -7.24 -0.18 21.02
CA ASN A 798 -8.24 -0.01 19.96
C ASN A 798 -9.19 -1.18 19.72
N SER A 799 -8.64 -2.38 19.71
CA SER A 799 -9.46 -3.58 19.62
C SER A 799 -10.42 -3.67 20.80
N ILE A 800 -9.99 -3.25 21.98
CA ILE A 800 -10.83 -3.29 23.17
C ILE A 800 -11.95 -2.28 23.00
N ALA A 801 -11.59 -1.11 22.47
CA ALA A 801 -12.58 -0.05 22.22
C ALA A 801 -13.61 -0.47 21.20
N SER A 802 -13.26 -1.34 20.26
CA SER A 802 -14.25 -1.71 19.25
C SER A 802 -15.29 -2.70 19.78
N ASN A 803 -15.03 -3.32 20.92
CA ASN A 803 -16.05 -4.06 21.69
C ASN A 803 -17.03 -3.06 22.32
N VAL A 804 -18.35 -3.22 22.07
CA VAL A 804 -19.35 -2.26 22.63
C VAL A 804 -19.15 -2.10 24.12
N ILE A 805 -18.81 -3.20 24.78
CA ILE A 805 -18.64 -3.22 26.23
C ILE A 805 -17.31 -2.57 26.60
N GLY A 806 -16.32 -2.72 25.71
CA GLY A 806 -14.99 -2.13 25.92
C GLY A 806 -14.88 -0.64 25.61
N GLN A 807 -15.84 -0.11 24.86
CA GLN A 807 -15.86 1.30 24.46
C GLN A 807 -15.70 2.26 25.64
N PRO A 808 -16.63 2.22 26.63
CA PRO A 808 -16.43 3.09 27.80
C PRO A 808 -15.11 2.85 28.56
N LEU A 809 -14.67 1.58 28.62
CA LEU A 809 -13.48 1.19 29.39
C LEU A 809 -12.20 1.76 28.74
N ALA A 810 -12.08 1.60 27.43
CA ALA A 810 -10.94 2.14 26.69
C ALA A 810 -10.95 3.66 26.72
N TRP A 811 -12.11 4.27 26.48
CA TRP A 811 -12.22 5.73 26.54
C TRP A 811 -11.81 6.27 27.92
N ASP A 812 -12.28 5.64 28.98
CA ASP A 812 -11.86 6.01 30.35
C ASP A 812 -10.36 5.85 30.54
N PHE A 813 -9.82 4.74 30.03
CA PHE A 813 -8.43 4.39 30.19
C PHE A 813 -7.54 5.40 29.49
N VAL A 814 -7.94 5.78 28.28
CA VAL A 814 -7.15 6.74 27.50
C VAL A 814 -7.12 8.13 28.15
N GLN A 815 -8.30 8.64 28.50
CA GLN A 815 -8.42 9.91 29.22
C GLN A 815 -7.55 9.92 30.47
N SER A 816 -7.69 8.88 31.28
CA SER A 816 -7.01 8.83 32.56
C SER A 816 -5.51 8.63 32.42
N ASN A 817 -5.07 7.85 31.42
CA ASN A 817 -3.65 7.57 31.26
C ASN A 817 -2.96 8.46 30.25
N TRP A 818 -3.68 9.45 29.74
CA TRP A 818 -3.17 10.31 28.69
C TRP A 818 -1.75 10.78 28.95
N LYS A 819 -1.42 10.96 30.22
CA LYS A 819 -0.07 11.37 30.59
C LYS A 819 1.01 10.31 30.35
N LYS A 820 0.67 9.15 29.79
CA LYS A 820 1.69 8.30 29.16
C LYS A 820 2.20 8.99 27.90
N LEU A 821 1.90 10.29 27.80
CA LEU A 821 2.41 11.15 26.75
C LEU A 821 3.75 11.79 27.11
N PHE A 822 3.98 12.07 28.40
CA PHE A 822 5.29 12.60 28.82
C PHE A 822 6.36 11.50 28.98
N GLN A 823 6.02 10.33 28.47
CA GLN A 823 6.82 9.11 28.54
C GLN A 823 7.04 8.42 27.18
N ASP A 824 6.11 8.61 26.24
CA ASP A 824 6.14 7.93 24.93
C ASP A 824 6.16 8.85 23.69
N TYR A 825 6.65 10.09 23.85
CA TYR A 825 6.72 11.06 22.73
C TYR A 825 8.04 11.76 22.71
N GLY A 826 9.12 10.97 22.73
CA GLY A 826 10.44 11.50 22.92
C GLY A 826 11.55 10.55 22.52
N GLY A 827 11.36 9.27 22.86
CA GLY A 827 12.27 8.20 22.44
C GLY A 827 11.74 7.45 21.23
N GLY A 828 10.44 7.18 21.23
CA GLY A 828 9.78 6.54 20.09
C GLY A 828 8.32 6.90 19.87
N SER A 829 8.00 7.36 18.65
CA SER A 829 6.64 7.79 18.23
C SER A 829 5.43 7.34 19.11
N PHE A 830 4.87 6.15 18.84
CA PHE A 830 3.75 5.57 19.55
C PHE A 830 2.38 6.13 19.07
N SER A 831 1.94 5.72 17.87
CA SER A 831 0.84 6.40 17.11
C SER A 831 -0.39 6.82 17.91
N PHE A 832 -0.36 8.08 18.28
CA PHE A 832 -1.38 8.69 19.08
C PHE A 832 -2.62 9.04 18.28
N SER A 833 -2.39 9.44 17.04
CA SER A 833 -3.45 9.75 16.10
C SER A 833 -4.42 8.56 15.91
N ASN A 834 -3.87 7.34 15.82
CA ASN A 834 -4.68 6.14 15.57
C ASN A 834 -5.46 5.72 16.80
N LEU A 835 -4.88 5.98 17.98
CA LEU A 835 -5.55 5.79 19.24
C LEU A 835 -6.77 6.71 19.40
N ILE A 836 -6.58 8.00 19.09
CA ILE A 836 -7.69 8.97 19.19
C ILE A 836 -8.84 8.57 18.25
N GLN A 837 -8.51 8.47 16.97
CA GLN A 837 -9.43 8.01 15.95
C GLN A 837 -10.18 6.76 16.41
N GLY A 838 -9.43 5.79 16.92
CA GLY A 838 -10.02 4.51 17.27
C GLY A 838 -11.02 4.55 18.40
N VAL A 839 -10.67 5.21 19.49
CA VAL A 839 -11.55 5.24 20.68
C VAL A 839 -12.71 6.22 20.54
N THR A 840 -12.56 7.25 19.69
CA THR A 840 -13.64 8.22 19.45
C THR A 840 -14.52 7.90 18.24
N ARG A 841 -14.24 6.83 17.53
CA ARG A 841 -14.86 6.54 16.27
C ARG A 841 -16.38 6.47 16.39
N ARG A 842 -16.87 5.85 17.44
CA ARG A 842 -18.28 5.69 17.71
C ARG A 842 -19.05 6.97 18.00
N PHE A 843 -18.39 7.98 18.51
CA PHE A 843 -19.09 9.12 19.12
C PHE A 843 -20.10 9.74 18.17
N SER A 844 -21.36 9.80 18.58
CA SER A 844 -22.41 10.24 17.67
C SER A 844 -23.51 11.05 18.34
N SER A 845 -23.26 11.55 19.55
CA SER A 845 -24.24 12.34 20.28
C SER A 845 -23.59 13.61 20.82
N GLU A 846 -24.45 14.59 21.14
CA GLU A 846 -24.03 15.85 21.73
C GLU A 846 -23.30 15.62 23.06
N PHE A 847 -23.77 14.66 23.83
CA PHE A 847 -23.18 14.34 25.11
C PHE A 847 -21.75 13.84 24.94
N GLU A 848 -21.54 12.97 23.96
CA GLU A 848 -20.20 12.46 23.65
C GLU A 848 -19.30 13.55 23.10
N LEU A 849 -19.88 14.46 22.32
CA LEU A 849 -19.14 15.61 21.84
C LEU A 849 -18.68 16.45 23.02
N GLN A 850 -19.57 16.68 23.99
CA GLN A 850 -19.23 17.43 25.21
C GLN A 850 -18.05 16.82 25.96
N GLN A 851 -18.06 15.49 26.12
CA GLN A 851 -16.97 14.80 26.79
C GLN A 851 -15.65 14.98 26.09
N LEU A 852 -15.69 14.96 24.76
CA LEU A 852 -14.49 15.07 23.96
C LEU A 852 -13.95 16.49 24.01
N GLU A 853 -14.85 17.47 24.13
CA GLU A 853 -14.50 18.87 24.33
C GLU A 853 -13.94 19.09 25.73
N GLN A 854 -14.69 18.61 26.73
CA GLN A 854 -14.30 18.66 28.14
C GLN A 854 -12.92 18.08 28.36
N PHE A 855 -12.66 16.96 27.71
CA PHE A 855 -11.38 16.30 27.78
C PHE A 855 -10.27 17.13 27.13
N LYS A 856 -10.54 17.64 25.93
CA LYS A 856 -9.60 18.49 25.19
C LYS A 856 -9.15 19.69 26.03
N LYS A 857 -10.06 20.22 26.85
CA LYS A 857 -9.77 21.31 27.76
C LYS A 857 -8.51 21.09 28.62
N ASN A 858 -7.70 20.10 28.26
CA ASN A 858 -6.43 19.85 28.93
C ASN A 858 -5.25 20.02 27.97
N ASN A 859 -5.19 21.21 27.38
CA ASN A 859 -4.04 21.72 26.61
C ASN A 859 -3.02 22.30 27.55
N MET A 860 -3.53 22.83 28.68
CA MET A 860 -2.70 23.29 29.79
C MET A 860 -1.63 22.24 30.04
N ASP A 861 -0.45 22.50 29.51
CA ASP A 861 0.62 21.50 29.46
C ASP A 861 0.12 20.22 28.79
N VAL A 862 1.03 19.26 28.59
CA VAL A 862 0.72 17.96 28.01
C VAL A 862 0.54 18.03 26.48
N GLY A 863 -0.43 18.82 26.00
CA GLY A 863 -0.71 18.90 24.57
C GLY A 863 -1.06 17.52 24.04
N PHE A 864 -0.75 17.26 22.77
CA PHE A 864 -1.07 15.94 22.17
C PHE A 864 0.00 15.34 21.24
N GLY A 865 0.89 16.18 20.69
CA GLY A 865 2.01 15.71 19.87
C GLY A 865 1.64 15.22 18.47
N SER A 866 1.97 13.94 18.19
CA SER A 866 1.66 13.29 16.90
C SER A 866 0.16 13.27 16.55
N GLY A 867 -0.70 13.44 17.55
CA GLY A 867 -2.15 13.36 17.38
C GLY A 867 -2.95 14.63 17.68
N THR A 868 -2.29 15.79 17.61
CA THR A 868 -2.93 17.09 17.83
C THR A 868 -4.05 17.37 16.83
N ARG A 869 -3.76 17.08 15.56
CA ARG A 869 -4.72 17.28 14.47
C ARG A 869 -5.76 16.17 14.50
N ALA A 870 -5.31 14.94 14.82
CA ALA A 870 -6.22 13.80 15.05
C ALA A 870 -7.36 14.08 16.02
N LEU A 871 -7.08 14.87 17.07
CA LEU A 871 -8.13 15.26 18.03
C LEU A 871 -9.14 16.24 17.41
N GLU A 872 -8.63 17.26 16.70
CA GLU A 872 -9.49 18.20 15.98
C GLU A 872 -10.39 17.45 15.00
N GLN A 873 -9.80 16.49 14.31
CA GLN A 873 -10.50 15.61 13.38
C GLN A 873 -11.59 14.80 14.09
N ALA A 874 -11.34 14.42 15.34
CA ALA A 874 -12.32 13.66 16.12
C ALA A 874 -13.51 14.53 16.52
N LEU A 875 -13.27 15.81 16.77
CA LEU A 875 -14.35 16.73 17.09
C LEU A 875 -15.22 16.99 15.87
N GLU A 876 -14.60 17.20 14.71
CA GLU A 876 -15.36 17.39 13.46
C GLU A 876 -16.08 16.13 13.01
N LYS A 877 -15.47 14.97 13.22
CA LYS A 877 -16.12 13.73 12.84
C LYS A 877 -17.35 13.48 13.72
N THR A 878 -17.25 13.83 14.99
CA THR A 878 -18.35 13.60 15.91
C THR A 878 -19.56 14.45 15.51
N LYS A 879 -19.33 15.70 15.14
CA LYS A 879 -20.40 16.56 14.64
C LYS A 879 -21.06 15.98 13.40
N ALA A 880 -20.25 15.53 12.44
CA ALA A 880 -20.81 14.90 11.25
C ALA A 880 -21.63 13.65 11.60
N ASN A 881 -21.16 12.85 12.55
CA ASN A 881 -21.91 11.68 13.00
C ASN A 881 -23.24 12.05 13.66
N ILE A 882 -23.19 13.04 14.57
CA ILE A 882 -24.38 13.57 15.24
C ILE A 882 -25.46 13.89 14.23
N LYS A 883 -25.09 14.63 13.20
CA LYS A 883 -26.02 15.05 12.16
C LYS A 883 -26.52 13.87 11.30
N TRP A 884 -25.64 12.92 10.99
CA TRP A 884 -26.01 11.76 10.17
C TRP A 884 -27.02 10.87 10.89
N VAL A 885 -26.77 10.57 12.16
CA VAL A 885 -27.69 9.75 12.97
C VAL A 885 -29.08 10.39 13.07
N LYS A 886 -29.11 11.70 13.28
CA LYS A 886 -30.39 12.44 13.33
C LYS A 886 -31.19 12.39 12.05
N GLU A 887 -30.52 12.50 10.91
CA GLU A 887 -31.19 12.40 9.62
C GLU A 887 -31.64 10.99 9.29
N ASN A 888 -30.88 10.01 9.79
CA ASN A 888 -30.99 8.63 9.33
C ASN A 888 -31.61 7.62 10.31
N LYS A 889 -31.56 7.89 11.61
CA LYS A 889 -32.00 6.91 12.59
C LYS A 889 -33.40 6.34 12.34
N GLU A 890 -34.39 7.23 12.26
CA GLU A 890 -35.79 6.80 12.16
C GLU A 890 -36.01 5.94 10.92
N VAL A 891 -35.56 6.44 9.77
CA VAL A 891 -35.69 5.76 8.49
C VAL A 891 -34.99 4.38 8.47
N VAL A 892 -33.80 4.33 9.05
CA VAL A 892 -33.02 3.09 9.08
C VAL A 892 -33.63 2.03 10.02
N LEU A 893 -34.08 2.46 11.20
CA LEU A 893 -34.76 1.55 12.12
C LEU A 893 -35.92 0.82 11.45
N ASN A 894 -36.80 1.60 10.84
CA ASN A 894 -38.01 1.07 10.22
C ASN A 894 -37.71 0.15 9.04
N TRP A 895 -36.63 0.42 8.32
CA TRP A 895 -36.23 -0.44 7.19
C TRP A 895 -35.82 -1.82 7.69
N PHE A 896 -34.89 -1.84 8.66
CA PHE A 896 -34.45 -3.08 9.27
C PHE A 896 -35.63 -3.83 9.92
N ILE A 897 -36.48 -3.13 10.70
CA ILE A 897 -37.71 -3.77 11.26
C ILE A 897 -38.51 -4.39 10.13
N GLU A 898 -38.78 -3.61 9.08
CA GLU A 898 -39.60 -4.08 7.97
C GLU A 898 -39.00 -5.28 7.23
N HIS A 899 -37.67 -5.35 7.14
CA HIS A 899 -37.05 -6.40 6.35
C HIS A 899 -36.39 -7.53 7.16
N SER A 900 -36.49 -7.48 8.49
CA SER A 900 -36.01 -8.60 9.30
C SER A 900 -37.11 -9.61 9.53
N SER A 901 -38.33 -9.24 9.10
CA SER A 901 -39.51 -10.12 8.89
C SER A 901 -40.81 -9.48 9.40
N ALA B 1 8.77 2.30 -3.43
CA ALA B 1 8.42 1.39 -2.32
C ALA B 1 6.92 1.01 -2.21
N ALA C 1 3.96 -2.63 2.63
CA ALA C 1 4.54 -3.18 1.41
C ALA C 1 3.56 -2.95 0.30
N ALA C 2 4.03 -2.61 -0.89
CA ALA C 2 3.14 -2.22 -1.96
C ALA C 2 2.30 -3.33 -2.56
N ALA C 3 1.07 -3.54 -2.11
CA ALA C 3 0.09 -4.15 -2.99
C ALA C 3 -1.19 -3.27 -3.09
N ALA C 4 -2.13 -3.33 -2.11
CA ALA C 4 -3.33 -2.41 -2.10
C ALA C 4 -4.71 -2.72 -1.37
N ALA C 5 -4.78 -3.77 -0.56
CA ALA C 5 -5.88 -4.17 0.44
C ALA C 5 -7.33 -3.60 0.38
N ALA C 6 -8.29 -4.45 0.73
CA ALA C 6 -9.72 -4.35 0.22
C ALA C 6 -10.88 -4.12 1.18
#